data_6HC7
#
_entry.id   6HC7
#
_cell.length_a   225.833
_cell.length_b   225.833
_cell.length_c   42.654
_cell.angle_alpha   90.00
_cell.angle_beta   90.00
_cell.angle_gamma   120.00
#
_symmetry.space_group_name_H-M   'P 63'
#
loop_
_entity.id
_entity.type
_entity.pdbx_description
1 polymer 'Aminopeptidase Y (Arg Lys Leu preference)'
2 non-polymer 'ZINC ION'
3 non-polymer 'SULFATE ION'
4 non-polymer 'ACETATE ION'
5 non-polymer 'CHLORIDE ION'
6 water water
#
_entity_poly.entity_id   1
_entity_poly.type   'polypeptide(L)'
_entity_poly.pdbx_seq_one_letter_code
;MKKLLTVMTMAVLTAGTLLLPAQSVTPAAHAVQISNSERELPFKAKHAYSTISQLSEAIGPRIAGTAAEKKSALLIASSM
RKLKLDVKVQRFNIPDRLEGTLSSAGRDILLQAASGSAPTEEQGLTAPLYNAGLGYQKDFTADAKGKIALISRGDLTYYE
KAKNAEAAGAKAVIIYNNKESLVPMTPNLSGNKVGIPVVGIKKEDGEALTQQKEATLKLKAFTNQTSQNIIGIKKPKNIK
HPDIVYVTAHYDSVPFSPGANDNGSGTSVMLEMARVLKSVPSDKEIRFIAFGAEELGLLGSSHYVDHLSEKELKRSEVNF
NLDMVGTSWEKASELYVNTLDGQSNYVWESSRTAAEKIGFDSLSLTQGGSSDHVPFHEAGIDSANFIWGDPETEEVEPWY
HTPEDSIEHISKERLQQAGDLVTAAVYEAVKKEKKPKTIKKQMKAKASDIFEDIK
;
_entity_poly.pdbx_strand_id   A,B,C
#
# COMPACT_ATOMS: atom_id res chain seq x y z
N ARG A 39 -3.14 -9.84 17.53
CA ARG A 39 -2.34 -9.46 16.37
C ARG A 39 -3.19 -8.88 15.23
N GLU A 40 -2.55 -8.05 14.41
CA GLU A 40 -3.16 -7.38 13.26
C GLU A 40 -3.25 -8.27 12.02
N LEU A 41 -4.48 -8.55 11.59
CA LEU A 41 -4.72 -9.32 10.39
C LEU A 41 -5.47 -8.47 9.37
N PRO A 42 -4.74 -7.61 8.63
CA PRO A 42 -5.31 -6.61 7.72
C PRO A 42 -5.79 -7.18 6.38
N PHE A 43 -6.82 -8.01 6.41
CA PHE A 43 -7.43 -8.52 5.18
C PHE A 43 -8.13 -7.42 4.39
N LYS A 44 -7.66 -7.15 3.17
CA LYS A 44 -8.24 -6.07 2.37
C LYS A 44 -9.10 -6.63 1.23
N ALA A 45 -10.43 -6.51 1.38
CA ALA A 45 -11.36 -7.06 0.39
C ALA A 45 -11.21 -6.40 -0.97
N LYS A 46 -10.71 -5.17 -0.98
CA LYS A 46 -10.51 -4.45 -2.23
C LYS A 46 -9.48 -5.18 -3.10
N HIS A 47 -8.45 -5.73 -2.46
CA HIS A 47 -7.43 -6.49 -3.17
C HIS A 47 -8.07 -7.70 -3.83
N ALA A 48 -8.89 -8.41 -3.05
CA ALA A 48 -9.66 -9.53 -3.55
C ALA A 48 -10.53 -9.10 -4.74
N TYR A 49 -11.33 -8.06 -4.53
CA TYR A 49 -12.18 -7.52 -5.58
C TYR A 49 -11.38 -7.27 -6.88
N SER A 50 -10.22 -6.64 -6.76
CA SER A 50 -9.36 -6.46 -7.91
C SER A 50 -8.98 -7.81 -8.58
N THR A 51 -8.79 -8.87 -7.78
CA THR A 51 -8.50 -10.19 -8.36
C THR A 51 -9.72 -10.82 -9.06
N ILE A 52 -10.91 -10.61 -8.51
CA ILE A 52 -12.10 -11.08 -9.17
C ILE A 52 -12.22 -10.45 -10.56
N SER A 53 -11.85 -9.17 -10.66
CA SER A 53 -11.89 -8.44 -11.94
C SER A 53 -10.89 -8.99 -12.94
N GLN A 54 -9.67 -9.21 -12.46
CA GLN A 54 -8.65 -9.77 -13.33
C GLN A 54 -9.11 -11.10 -13.92
N LEU A 55 -9.73 -11.94 -13.09
CA LEU A 55 -10.13 -13.28 -13.51
C LEU A 55 -11.44 -13.29 -14.34
N SER A 56 -12.45 -12.55 -13.88
CA SER A 56 -13.78 -12.65 -14.50
C SER A 56 -14.08 -11.57 -15.57
N GLU A 57 -13.30 -10.50 -15.62
CA GLU A 57 -13.48 -9.49 -16.68
C GLU A 57 -12.34 -9.50 -17.69
N ALA A 58 -11.11 -9.27 -17.23
CA ALA A 58 -9.95 -9.32 -18.13
C ALA A 58 -9.83 -10.67 -18.82
N ILE A 59 -9.91 -11.76 -18.07
CA ILE A 59 -9.86 -13.08 -18.71
C ILE A 59 -11.27 -13.58 -19.10
N GLY A 60 -12.24 -13.48 -18.19
CA GLY A 60 -13.59 -13.97 -18.48
C GLY A 60 -13.86 -15.41 -18.04
N PRO A 61 -14.74 -16.11 -18.75
CA PRO A 61 -15.00 -17.51 -18.37
C PRO A 61 -13.73 -18.35 -18.49
N ARG A 62 -13.48 -19.19 -17.48
CA ARG A 62 -12.26 -19.96 -17.43
C ARG A 62 -12.53 -21.45 -17.44
N ILE A 63 -13.06 -21.95 -18.54
CA ILE A 63 -13.39 -23.37 -18.65
C ILE A 63 -12.15 -24.22 -18.52
N ALA A 64 -12.26 -25.26 -17.69
CA ALA A 64 -11.23 -26.26 -17.52
C ALA A 64 -10.60 -26.73 -18.86
N GLY A 65 -9.28 -26.68 -18.93
CA GLY A 65 -8.55 -27.16 -20.10
C GLY A 65 -8.33 -26.16 -21.21
N THR A 66 -8.97 -25.00 -21.13
CA THR A 66 -8.93 -24.06 -22.24
C THR A 66 -7.88 -22.99 -22.03
N ALA A 67 -7.73 -22.11 -23.01
CA ALA A 67 -6.72 -21.06 -22.99
C ALA A 67 -6.89 -20.11 -21.81
N ALA A 68 -8.15 -19.78 -21.50
CA ALA A 68 -8.43 -18.87 -20.40
C ALA A 68 -8.11 -19.46 -19.03
N GLU A 69 -8.27 -20.78 -18.87
CA GLU A 69 -7.88 -21.40 -17.62
C GLU A 69 -6.37 -21.38 -17.49
N LYS A 70 -5.69 -21.62 -18.61
CA LYS A 70 -4.24 -21.67 -18.58
C LYS A 70 -3.67 -20.27 -18.35
N LYS A 71 -4.35 -19.26 -18.87
CA LYS A 71 -3.93 -17.88 -18.69
C LYS A 71 -4.16 -17.41 -17.25
N SER A 72 -5.18 -17.96 -16.62
CA SER A 72 -5.50 -17.66 -15.23
C SER A 72 -4.45 -18.27 -14.31
N ALA A 73 -3.97 -19.45 -14.69
CA ALA A 73 -2.96 -20.11 -13.91
C ALA A 73 -1.69 -19.26 -13.85
N LEU A 74 -1.26 -18.72 -14.99
CA LEU A 74 -0.11 -17.80 -15.03
C LEU A 74 -0.32 -16.62 -14.11
N LEU A 75 -1.51 -16.03 -14.14
CA LEU A 75 -1.86 -14.91 -13.29
C LEU A 75 -1.68 -15.26 -11.80
N ILE A 76 -2.26 -16.38 -11.39
CA ILE A 76 -2.22 -16.81 -10.00
C ILE A 76 -0.78 -17.17 -9.57
N ALA A 77 -0.03 -17.82 -10.46
CA ALA A 77 1.34 -18.23 -10.15
C ALA A 77 2.19 -17.01 -9.84
N SER A 78 2.12 -16.05 -10.77
CA SER A 78 2.71 -14.73 -10.63
C SER A 78 2.32 -14.02 -9.34
N SER A 79 1.03 -14.01 -9.03
CA SER A 79 0.54 -13.40 -7.80
C SER A 79 1.18 -14.04 -6.59
N MET A 80 1.25 -15.36 -6.59
CA MET A 80 1.77 -16.10 -5.45
C MET A 80 3.24 -15.78 -5.23
N ARG A 81 4.05 -15.90 -6.28
CA ARG A 81 5.47 -15.61 -6.19
C ARG A 81 5.79 -14.24 -5.58
N LYS A 82 5.06 -13.21 -6.00
CA LYS A 82 5.22 -11.89 -5.41
C LYS A 82 4.95 -11.90 -3.90
N LEU A 83 4.08 -12.80 -3.46
CA LEU A 83 3.78 -12.95 -2.04
C LEU A 83 4.91 -13.74 -1.35
N LYS A 84 5.91 -14.13 -2.13
CA LYS A 84 7.10 -14.84 -1.65
C LYS A 84 6.74 -16.23 -1.11
N LEU A 85 6.04 -16.98 -1.94
CA LEU A 85 5.72 -18.36 -1.67
C LEU A 85 6.58 -19.22 -2.59
N ASP A 86 6.97 -20.41 -2.17
CA ASP A 86 7.57 -21.33 -3.12
C ASP A 86 6.44 -21.91 -3.98
N VAL A 87 6.49 -21.63 -5.28
CA VAL A 87 5.40 -21.92 -6.21
C VAL A 87 5.72 -22.98 -7.26
N LYS A 88 4.95 -24.06 -7.26
CA LYS A 88 5.05 -25.09 -8.30
C LYS A 88 3.73 -25.12 -9.07
N VAL A 89 3.76 -25.58 -10.32
CA VAL A 89 2.54 -25.74 -11.08
C VAL A 89 2.39 -27.21 -11.41
N GLN A 90 1.26 -27.79 -11.04
CA GLN A 90 1.04 -29.23 -11.17
C GLN A 90 0.10 -29.49 -12.34
N ARG A 91 0.57 -30.19 -13.37
CA ARG A 91 -0.23 -30.43 -14.56
C ARG A 91 -0.82 -31.82 -14.52
N PHE A 92 -2.06 -31.95 -14.99
CA PHE A 92 -2.72 -33.25 -14.99
C PHE A 92 -3.59 -33.34 -16.22
N ASN A 93 -3.87 -34.56 -16.65
CA ASN A 93 -4.76 -34.74 -17.78
C ASN A 93 -6.23 -34.72 -17.36
N ILE A 94 -7.08 -34.32 -18.30
CA ILE A 94 -8.53 -34.32 -18.09
C ILE A 94 -9.22 -34.90 -19.32
N PRO A 95 -10.50 -35.30 -19.20
CA PRO A 95 -11.26 -35.84 -20.35
C PRO A 95 -11.23 -35.01 -21.61
N ASP A 96 -11.54 -35.64 -22.73
CA ASP A 96 -11.68 -34.93 -23.98
C ASP A 96 -12.79 -33.90 -23.88
N ARG A 97 -12.60 -32.80 -24.59
CA ARG A 97 -13.52 -31.69 -24.65
C ARG A 97 -14.40 -31.83 -25.89
N LEU A 98 -15.72 -31.69 -25.73
CA LEU A 98 -16.61 -31.81 -26.87
C LEU A 98 -17.34 -30.52 -27.17
N GLU A 99 -17.50 -30.24 -28.46
CA GLU A 99 -18.42 -29.20 -28.89
C GLU A 99 -18.91 -29.42 -30.31
N GLY A 100 -20.08 -28.86 -30.59
CA GLY A 100 -20.61 -28.93 -31.94
C GLY A 100 -21.99 -28.33 -32.12
N THR A 101 -22.74 -28.93 -33.04
CA THR A 101 -23.93 -28.28 -33.53
C THR A 101 -25.10 -29.23 -33.69
N LEU A 102 -26.28 -28.64 -33.60
CA LEU A 102 -27.49 -29.39 -33.79
C LEU A 102 -28.46 -28.58 -34.62
N SER A 103 -29.09 -29.26 -35.57
CA SER A 103 -30.10 -28.68 -36.40
C SER A 103 -31.25 -29.66 -36.63
N SER A 104 -32.42 -29.12 -36.99
CA SER A 104 -33.59 -29.93 -37.29
C SER A 104 -34.58 -29.04 -38.04
N ALA A 105 -35.05 -29.50 -39.20
CA ALA A 105 -35.79 -28.66 -40.14
C ALA A 105 -34.99 -27.39 -40.44
N GLY A 106 -35.50 -26.23 -40.08
CA GLY A 106 -34.70 -25.05 -40.38
C GLY A 106 -33.86 -24.54 -39.23
N ARG A 107 -34.01 -25.19 -38.08
CA ARG A 107 -33.62 -24.57 -36.82
C ARG A 107 -32.26 -25.02 -36.31
N ASP A 108 -31.38 -24.04 -36.12
CA ASP A 108 -30.10 -24.31 -35.48
C ASP A 108 -30.21 -24.13 -33.96
N ILE A 109 -29.65 -25.07 -33.20
CA ILE A 109 -29.96 -25.15 -31.78
C ILE A 109 -28.71 -25.23 -30.93
N LEU A 110 -28.52 -24.24 -30.07
CA LEU A 110 -27.32 -24.14 -29.27
C LEU A 110 -27.26 -25.29 -28.27
N LEU A 111 -26.12 -25.98 -28.23
CA LEU A 111 -25.96 -27.13 -27.36
C LEU A 111 -24.77 -27.04 -26.43
N GLN A 112 -24.86 -27.80 -25.35
CA GLN A 112 -23.76 -28.07 -24.45
C GLN A 112 -23.54 -29.58 -24.46
N ALA A 113 -22.38 -30.02 -24.93
CA ALA A 113 -22.09 -31.44 -24.95
C ALA A 113 -21.72 -31.93 -23.56
N ALA A 114 -21.92 -33.22 -23.29
CA ALA A 114 -21.57 -33.82 -22.00
C ALA A 114 -20.16 -34.40 -22.00
N SER A 115 -19.35 -33.97 -21.04
CA SER A 115 -18.00 -34.51 -20.86
C SER A 115 -18.05 -36.03 -20.79
N GLY A 116 -17.04 -36.66 -21.35
CA GLY A 116 -16.96 -38.11 -21.33
C GLY A 116 -18.02 -38.80 -22.18
N SER A 117 -18.42 -38.17 -23.28
CA SER A 117 -19.34 -38.86 -24.16
C SER A 117 -18.82 -38.81 -25.58
N ALA A 118 -19.56 -39.42 -26.50
CA ALA A 118 -19.03 -39.75 -27.81
C ALA A 118 -19.27 -38.66 -28.82
N PRO A 119 -18.28 -38.42 -29.67
CA PRO A 119 -18.36 -37.52 -30.83
C PRO A 119 -19.04 -38.18 -32.03
N THR A 120 -19.36 -37.39 -33.04
CA THR A 120 -19.91 -37.93 -34.27
C THR A 120 -18.85 -37.78 -35.34
N GLU A 121 -19.01 -38.45 -36.47
CA GLU A 121 -18.07 -38.26 -37.56
C GLU A 121 -18.28 -36.88 -38.17
N GLU A 122 -17.34 -36.43 -39.00
CA GLU A 122 -17.29 -35.04 -39.43
C GLU A 122 -18.51 -34.61 -40.24
N GLN A 123 -19.09 -35.56 -40.95
CA GLN A 123 -20.35 -35.33 -41.69
C GLN A 123 -21.52 -35.19 -40.72
N GLY A 124 -21.37 -35.80 -39.54
CA GLY A 124 -22.36 -35.70 -38.49
C GLY A 124 -23.31 -36.88 -38.44
N LEU A 125 -24.14 -36.90 -37.42
CA LEU A 125 -25.16 -37.93 -37.28
C LEU A 125 -26.55 -37.37 -37.55
N THR A 126 -27.19 -37.93 -38.57
CA THR A 126 -28.57 -37.59 -38.92
C THR A 126 -29.39 -38.84 -38.69
N ALA A 127 -30.48 -38.72 -37.97
CA ALA A 127 -31.27 -39.86 -37.58
C ALA A 127 -32.59 -39.37 -37.05
N PRO A 128 -33.64 -40.22 -37.12
CA PRO A 128 -34.97 -39.85 -36.61
C PRO A 128 -34.98 -39.45 -35.13
N LEU A 129 -35.90 -38.58 -34.77
CA LEU A 129 -36.06 -38.19 -33.37
C LEU A 129 -37.12 -39.07 -32.71
N TYR A 130 -36.66 -39.93 -31.81
CA TYR A 130 -37.56 -40.70 -30.94
C TYR A 130 -37.84 -39.92 -29.64
N ASN A 131 -39.08 -39.93 -29.16
CA ASN A 131 -39.41 -39.27 -27.89
C ASN A 131 -39.45 -40.26 -26.75
N ALA A 132 -38.54 -40.08 -25.80
CA ALA A 132 -38.41 -40.98 -24.66
C ALA A 132 -39.01 -40.39 -23.39
N GLY A 133 -39.57 -39.19 -23.49
CA GLY A 133 -40.15 -38.51 -22.35
C GLY A 133 -39.10 -38.22 -21.28
N LEU A 134 -39.15 -38.94 -20.16
CA LEU A 134 -38.23 -38.71 -19.05
C LEU A 134 -37.06 -39.68 -18.99
N GLY A 135 -36.98 -40.61 -19.93
CA GLY A 135 -35.82 -41.49 -20.01
C GLY A 135 -35.76 -42.70 -19.09
N TYR A 136 -36.92 -43.13 -18.58
CA TYR A 136 -37.03 -44.40 -17.88
C TYR A 136 -36.87 -45.53 -18.92
N GLN A 137 -36.32 -46.66 -18.52
CA GLN A 137 -36.17 -47.81 -19.43
C GLN A 137 -37.53 -48.22 -20.02
N LYS A 138 -38.59 -48.01 -19.23
CA LYS A 138 -39.94 -48.31 -19.67
C LYS A 138 -40.31 -47.45 -20.88
N ASP A 139 -39.98 -46.16 -20.81
CA ASP A 139 -40.32 -45.17 -21.85
C ASP A 139 -39.69 -45.42 -23.23
N PHE A 140 -38.92 -46.50 -23.37
CA PHE A 140 -38.21 -46.79 -24.62
C PHE A 140 -38.84 -47.99 -25.36
N THR A 141 -39.72 -47.72 -26.33
CA THR A 141 -40.28 -48.79 -27.17
C THR A 141 -39.18 -49.36 -28.06
N ALA A 142 -39.45 -50.46 -28.77
CA ALA A 142 -38.46 -51.02 -29.69
C ALA A 142 -38.19 -50.06 -30.86
N ASP A 143 -39.07 -49.07 -31.01
CA ASP A 143 -38.97 -48.07 -32.07
C ASP A 143 -37.79 -47.10 -31.87
N ALA A 144 -37.22 -47.10 -30.67
CA ALA A 144 -36.15 -46.16 -30.34
C ALA A 144 -34.84 -46.59 -30.96
N LYS A 145 -34.71 -47.88 -31.26
CA LYS A 145 -33.49 -48.44 -31.83
C LYS A 145 -33.13 -47.76 -33.15
N GLY A 146 -31.98 -47.10 -33.18
CA GLY A 146 -31.49 -46.46 -34.39
C GLY A 146 -31.82 -44.98 -34.48
N LYS A 147 -32.51 -44.46 -33.48
CA LYS A 147 -32.96 -43.09 -33.49
C LYS A 147 -32.24 -42.24 -32.43
N ILE A 148 -32.38 -40.93 -32.56
CA ILE A 148 -31.89 -40.02 -31.52
C ILE A 148 -32.97 -39.94 -30.47
N ALA A 149 -32.62 -40.32 -29.26
CA ALA A 149 -33.52 -40.22 -28.12
C ALA A 149 -33.58 -38.78 -27.59
N LEU A 150 -34.72 -38.12 -27.75
CA LEU A 150 -34.92 -36.80 -27.17
C LEU A 150 -35.61 -36.89 -25.81
N ILE A 151 -34.89 -36.51 -24.75
CA ILE A 151 -35.34 -36.67 -23.36
C ILE A 151 -35.55 -35.32 -22.65
N SER A 152 -36.63 -35.23 -21.87
CA SER A 152 -36.85 -34.08 -21.00
C SER A 152 -35.95 -34.15 -19.77
N ARG A 153 -35.64 -32.99 -19.20
CA ARG A 153 -34.92 -32.94 -17.92
C ARG A 153 -35.79 -33.50 -16.79
N GLY A 154 -35.19 -33.81 -15.65
CA GLY A 154 -35.96 -34.11 -14.46
C GLY A 154 -36.10 -35.57 -14.06
N ASP A 155 -36.34 -35.79 -12.76
CA ASP A 155 -36.55 -37.13 -12.18
C ASP A 155 -35.29 -38.01 -12.21
N LEU A 156 -34.80 -38.37 -13.40
CA LEU A 156 -33.61 -39.21 -13.46
C LEU A 156 -32.33 -38.41 -13.49
N THR A 157 -31.24 -39.06 -13.10
CA THR A 157 -29.93 -38.46 -13.28
C THR A 157 -29.67 -38.46 -14.78
N TYR A 158 -28.97 -37.44 -15.28
CA TYR A 158 -28.69 -37.33 -16.71
C TYR A 158 -28.03 -38.60 -17.20
N TYR A 159 -27.24 -39.22 -16.33
CA TYR A 159 -26.54 -40.45 -16.68
C TYR A 159 -27.50 -41.57 -17.00
N GLU A 160 -28.40 -41.85 -16.06
CA GLU A 160 -29.38 -42.93 -16.25
C GLU A 160 -30.24 -42.70 -17.49
N LYS A 161 -30.51 -41.44 -17.83
CA LYS A 161 -31.16 -41.10 -19.10
C LYS A 161 -30.37 -41.63 -20.31
N ALA A 162 -29.06 -41.42 -20.32
CA ALA A 162 -28.22 -41.82 -21.47
C ALA A 162 -27.95 -43.32 -21.53
N LYS A 163 -27.70 -43.92 -20.37
CA LYS A 163 -27.47 -45.37 -20.28
C LYS A 163 -28.73 -46.10 -20.71
N ASN A 164 -29.89 -45.60 -20.32
CA ASN A 164 -31.17 -46.20 -20.71
C ASN A 164 -31.46 -46.02 -22.20
N ALA A 165 -31.00 -44.91 -22.74
CA ALA A 165 -31.12 -44.67 -24.15
C ALA A 165 -30.18 -45.59 -24.95
N GLU A 166 -28.93 -45.71 -24.51
CA GLU A 166 -27.95 -46.50 -25.26
C GLU A 166 -28.28 -47.99 -25.25
N ALA A 167 -28.84 -48.45 -24.14
CA ALA A 167 -29.26 -49.84 -23.98
C ALA A 167 -30.38 -50.18 -24.96
N ALA A 168 -31.21 -49.18 -25.25
CA ALA A 168 -32.39 -49.33 -26.09
C ALA A 168 -32.11 -49.08 -27.57
N GLY A 169 -30.83 -48.98 -27.92
CA GLY A 169 -30.44 -48.84 -29.31
C GLY A 169 -30.37 -47.42 -29.88
N ALA A 170 -30.37 -46.40 -29.01
CA ALA A 170 -30.29 -45.01 -29.45
C ALA A 170 -28.93 -44.70 -30.08
N LYS A 171 -28.95 -43.94 -31.17
CA LYS A 171 -27.72 -43.55 -31.86
C LYS A 171 -27.09 -42.36 -31.14
N ALA A 172 -27.94 -41.61 -30.45
CA ALA A 172 -27.50 -40.43 -29.70
C ALA A 172 -28.59 -39.97 -28.73
N VAL A 173 -28.22 -39.05 -27.83
CA VAL A 173 -29.11 -38.54 -26.79
C VAL A 173 -29.14 -37.02 -26.76
N ILE A 174 -30.32 -36.42 -26.87
CA ILE A 174 -30.50 -34.99 -26.59
C ILE A 174 -31.37 -34.80 -25.37
N ILE A 175 -30.84 -34.07 -24.39
CA ILE A 175 -31.61 -33.76 -23.19
C ILE A 175 -31.95 -32.28 -23.17
N TYR A 176 -33.22 -31.91 -23.12
CA TYR A 176 -33.57 -30.50 -23.03
C TYR A 176 -34.03 -30.11 -21.63
N ASN A 177 -33.75 -28.87 -21.26
CA ASN A 177 -34.10 -28.32 -19.96
C ASN A 177 -35.59 -28.35 -19.72
N ASN A 178 -35.99 -28.57 -18.48
CA ASN A 178 -37.38 -28.40 -18.08
C ASN A 178 -37.57 -27.07 -17.36
N LYS A 179 -36.56 -26.21 -17.45
CA LYS A 179 -36.61 -24.91 -16.81
C LYS A 179 -36.09 -23.87 -17.77
N GLU A 180 -36.56 -22.65 -17.58
CA GLU A 180 -36.11 -21.46 -18.30
C GLU A 180 -34.63 -21.28 -18.11
N SER A 181 -33.96 -20.74 -19.11
CA SER A 181 -32.52 -20.51 -19.04
C SER A 181 -31.94 -19.68 -20.20
N LEU A 182 -30.88 -18.95 -19.89
CA LEU A 182 -30.11 -18.15 -20.85
C LEU A 182 -29.13 -18.98 -21.69
N VAL A 183 -28.86 -20.19 -21.22
CA VAL A 183 -27.78 -21.02 -21.73
C VAL A 183 -28.26 -22.48 -21.77
N PRO A 184 -27.76 -23.26 -22.74
CA PRO A 184 -28.12 -24.67 -22.75
C PRO A 184 -27.58 -25.39 -21.51
N MET A 185 -28.46 -26.17 -20.88
CA MET A 185 -28.07 -27.02 -19.75
C MET A 185 -26.88 -27.93 -20.07
N THR A 186 -26.08 -28.25 -19.06
CA THR A 186 -25.00 -29.21 -19.23
C THR A 186 -25.38 -30.58 -18.66
N PRO A 187 -25.64 -31.54 -19.56
CA PRO A 187 -26.03 -32.88 -19.13
C PRO A 187 -24.89 -33.66 -18.44
N ASN A 188 -24.55 -33.27 -17.21
CA ASN A 188 -23.43 -33.89 -16.46
C ASN A 188 -23.59 -35.41 -16.25
N LEU A 189 -22.69 -36.21 -16.82
CA LEU A 189 -22.82 -37.67 -16.73
C LEU A 189 -22.12 -38.28 -15.49
N SER A 190 -21.80 -37.42 -14.52
CA SER A 190 -21.13 -37.78 -13.27
C SER A 190 -20.01 -38.82 -13.41
N GLY A 191 -19.00 -38.47 -14.18
CA GLY A 191 -17.80 -39.27 -14.27
C GLY A 191 -17.87 -40.42 -15.25
N ASN A 192 -19.10 -40.86 -15.53
CA ASN A 192 -19.31 -42.01 -16.39
C ASN A 192 -18.92 -41.75 -17.85
N LYS A 193 -18.45 -42.79 -18.52
CA LYS A 193 -18.23 -42.73 -19.97
C LYS A 193 -19.39 -43.40 -20.71
N VAL A 194 -19.99 -42.68 -21.65
CA VAL A 194 -21.08 -43.24 -22.45
C VAL A 194 -20.64 -43.37 -23.91
N GLY A 195 -21.22 -44.34 -24.63
CA GLY A 195 -20.77 -44.72 -25.96
C GLY A 195 -21.41 -43.99 -27.14
N ILE A 196 -22.44 -43.19 -26.86
CA ILE A 196 -23.11 -42.41 -27.88
C ILE A 196 -22.97 -40.91 -27.56
N PRO A 197 -23.40 -40.02 -28.48
CA PRO A 197 -23.42 -38.59 -28.16
C PRO A 197 -24.50 -38.22 -27.15
N VAL A 198 -24.15 -37.36 -26.21
CA VAL A 198 -25.11 -36.88 -25.23
C VAL A 198 -24.94 -35.39 -25.12
N VAL A 199 -26.01 -34.64 -25.40
CA VAL A 199 -25.94 -33.18 -25.39
C VAL A 199 -27.14 -32.61 -24.63
N GLY A 200 -27.01 -31.37 -24.19
CA GLY A 200 -28.08 -30.67 -23.53
C GLY A 200 -28.42 -29.37 -24.25
N ILE A 201 -29.71 -29.05 -24.29
CA ILE A 201 -30.20 -27.83 -24.95
C ILE A 201 -31.28 -27.13 -24.12
N LYS A 202 -31.56 -25.89 -24.48
CA LYS A 202 -32.57 -25.05 -23.81
C LYS A 202 -34.00 -25.64 -23.84
N LYS A 203 -34.82 -25.21 -22.88
CA LYS A 203 -36.19 -25.69 -22.71
C LYS A 203 -37.04 -25.61 -23.99
N GLU A 204 -37.15 -24.40 -24.56
CA GLU A 204 -37.93 -24.16 -25.77
C GLU A 204 -37.49 -24.97 -26.99
N ASP A 205 -36.18 -25.06 -27.23
CA ASP A 205 -35.67 -25.76 -28.39
C ASP A 205 -36.10 -27.22 -28.38
N GLY A 206 -36.02 -27.85 -27.20
CA GLY A 206 -36.40 -29.22 -27.04
C GLY A 206 -37.89 -29.42 -27.22
N GLU A 207 -38.66 -28.37 -26.96
CA GLU A 207 -40.11 -28.40 -27.12
C GLU A 207 -40.50 -28.41 -28.59
N ALA A 208 -39.74 -27.65 -29.38
CA ALA A 208 -39.90 -27.59 -30.82
C ALA A 208 -39.41 -28.88 -31.46
N LEU A 209 -38.54 -29.58 -30.73
CA LEU A 209 -37.93 -30.80 -31.23
C LEU A 209 -38.89 -31.98 -31.20
N THR A 210 -39.76 -32.05 -30.20
CA THR A 210 -40.66 -33.18 -30.03
C THR A 210 -41.61 -33.32 -31.21
N GLN A 211 -41.75 -32.25 -31.98
CA GLN A 211 -42.62 -32.26 -33.16
C GLN A 211 -41.85 -32.39 -34.49
N GLN A 212 -40.56 -32.70 -34.43
CA GLN A 212 -39.78 -32.89 -35.65
C GLN A 212 -39.48 -34.35 -35.88
N LYS A 213 -39.21 -34.69 -37.13
CA LYS A 213 -38.97 -36.09 -37.51
C LYS A 213 -37.54 -36.50 -37.27
N GLU A 214 -36.59 -35.65 -37.64
CA GLU A 214 -35.18 -36.00 -37.52
C GLU A 214 -34.35 -34.80 -37.09
N ALA A 215 -33.06 -35.03 -36.90
CA ALA A 215 -32.15 -34.02 -36.40
C ALA A 215 -30.73 -34.38 -36.84
N THR A 216 -29.87 -33.38 -36.93
CA THR A 216 -28.49 -33.62 -37.34
C THR A 216 -27.48 -33.08 -36.34
N LEU A 217 -26.67 -34.00 -35.82
CA LEU A 217 -25.71 -33.70 -34.77
C LEU A 217 -24.28 -33.80 -35.28
N LYS A 218 -23.49 -32.76 -35.02
CA LYS A 218 -22.07 -32.78 -35.33
C LYS A 218 -21.27 -32.53 -34.05
N LEU A 219 -20.55 -33.53 -33.57
CA LEU A 219 -19.76 -33.39 -32.35
C LEU A 219 -18.33 -33.83 -32.54
N LYS A 220 -17.38 -32.93 -32.26
CA LYS A 220 -15.96 -33.29 -32.33
C LYS A 220 -15.30 -33.25 -30.96
N ALA A 221 -14.42 -34.21 -30.72
CA ALA A 221 -13.77 -34.37 -29.44
C ALA A 221 -12.37 -33.79 -29.49
N PHE A 222 -12.10 -32.78 -28.68
CA PHE A 222 -10.74 -32.26 -28.53
C PHE A 222 -9.97 -33.08 -27.52
N THR A 223 -8.90 -33.74 -27.97
CA THR A 223 -8.14 -34.64 -27.10
C THR A 223 -6.89 -33.98 -26.54
N ASN A 224 -6.19 -34.73 -25.71
CA ASN A 224 -5.00 -34.25 -25.01
C ASN A 224 -5.26 -32.96 -24.25
N GLN A 225 -6.36 -32.95 -23.51
CA GLN A 225 -6.70 -31.77 -22.72
C GLN A 225 -6.00 -31.84 -21.37
N THR A 226 -5.47 -30.70 -20.92
CA THR A 226 -4.85 -30.63 -19.60
C THR A 226 -5.28 -29.41 -18.79
N SER A 227 -5.18 -29.53 -17.48
CA SER A 227 -5.42 -28.43 -16.59
C SER A 227 -4.28 -28.46 -15.59
N GLN A 228 -4.35 -27.63 -14.57
CA GLN A 228 -3.27 -27.54 -13.62
C GLN A 228 -3.67 -26.89 -12.28
N ASN A 229 -2.99 -27.33 -11.23
CA ASN A 229 -3.06 -26.73 -9.90
C ASN A 229 -1.87 -25.82 -9.69
N ILE A 230 -2.12 -24.68 -9.06
CA ILE A 230 -1.05 -23.76 -8.71
C ILE A 230 -0.86 -23.77 -7.19
N ILE A 231 0.31 -24.25 -6.76
CA ILE A 231 0.62 -24.51 -5.37
C ILE A 231 1.68 -23.56 -4.85
N GLY A 232 1.39 -22.84 -3.78
CA GLY A 232 2.32 -21.88 -3.23
C GLY A 232 2.52 -22.12 -1.76
N ILE A 233 3.75 -22.50 -1.37
CA ILE A 233 4.03 -23.02 -0.03
C ILE A 233 4.84 -22.05 0.86
N LYS A 234 4.35 -21.85 2.07
CA LYS A 234 5.02 -21.04 3.08
C LYS A 234 5.55 -21.98 4.14
N LYS A 235 6.83 -22.33 4.08
CA LYS A 235 7.33 -23.37 4.97
C LYS A 235 8.25 -22.82 6.04
N PRO A 236 8.12 -23.37 7.25
CA PRO A 236 8.98 -23.01 8.39
C PRO A 236 10.38 -23.54 8.13
N LYS A 237 11.35 -22.66 8.32
CA LYS A 237 12.69 -22.88 7.78
C LYS A 237 13.52 -23.82 8.64
N ASN A 238 13.13 -23.98 9.91
CA ASN A 238 13.78 -24.94 10.80
C ASN A 238 12.79 -25.67 11.68
N ILE A 239 11.85 -26.35 11.03
CA ILE A 239 11.04 -27.39 11.65
C ILE A 239 11.11 -28.56 10.69
N LYS A 240 11.26 -29.80 11.17
CA LYS A 240 11.35 -30.87 10.21
C LYS A 240 10.10 -31.73 10.26
N HIS A 241 9.61 -32.07 9.07
CA HIS A 241 8.32 -32.73 8.90
C HIS A 241 7.18 -31.99 9.59
N PRO A 242 6.99 -30.69 9.28
CA PRO A 242 5.96 -29.91 9.95
C PRO A 242 4.54 -30.27 9.49
N ASP A 243 3.55 -30.05 10.36
CA ASP A 243 2.15 -30.26 10.00
C ASP A 243 1.75 -29.37 8.83
N ILE A 244 0.91 -29.87 7.95
CA ILE A 244 0.56 -29.15 6.74
C ILE A 244 -0.85 -28.59 6.85
N VAL A 245 -1.00 -27.30 6.54
CA VAL A 245 -2.30 -26.64 6.49
C VAL A 245 -2.57 -26.20 5.06
N TYR A 246 -3.77 -26.52 4.57
CA TYR A 246 -4.17 -26.26 3.19
C TYR A 246 -5.25 -25.18 3.10
N VAL A 247 -4.95 -24.12 2.35
CA VAL A 247 -5.92 -23.09 2.04
C VAL A 247 -6.16 -23.18 0.53
N THR A 248 -7.39 -23.52 0.16
CA THR A 248 -7.64 -23.87 -1.24
C THR A 248 -8.90 -23.24 -1.83
N ALA A 249 -8.90 -23.15 -3.15
CA ALA A 249 -9.99 -22.57 -3.92
C ALA A 249 -9.82 -22.96 -5.39
N HIS A 250 -10.91 -23.30 -6.07
CA HIS A 250 -10.76 -23.61 -7.48
C HIS A 250 -10.90 -22.37 -8.34
N TYR A 251 -10.16 -22.33 -9.45
CA TYR A 251 -10.08 -21.12 -10.27
C TYR A 251 -10.67 -21.29 -11.68
N ASP A 252 -11.28 -22.44 -11.96
CA ASP A 252 -12.02 -22.61 -13.20
C ASP A 252 -13.51 -22.28 -13.04
N SER A 253 -14.23 -22.17 -14.17
CA SER A 253 -15.68 -21.97 -14.09
C SER A 253 -16.41 -22.69 -15.21
N VAL A 254 -17.74 -22.73 -15.10
CA VAL A 254 -18.59 -23.36 -16.11
C VAL A 254 -18.66 -22.50 -17.37
N PRO A 255 -18.89 -23.14 -18.51
CA PRO A 255 -19.04 -22.45 -19.79
C PRO A 255 -19.96 -21.22 -19.69
N PHE A 256 -19.65 -20.14 -20.40
CA PHE A 256 -20.49 -18.95 -20.47
C PHE A 256 -20.61 -18.18 -19.17
N SER A 257 -20.08 -18.72 -18.07
CA SER A 257 -20.05 -17.98 -16.82
C SER A 257 -18.69 -17.32 -16.61
N PRO A 258 -18.70 -16.01 -16.40
CA PRO A 258 -17.50 -15.24 -16.03
C PRO A 258 -16.92 -15.80 -14.74
N GLY A 259 -17.79 -16.46 -13.97
CA GLY A 259 -17.37 -17.20 -12.79
C GLY A 259 -16.74 -16.29 -11.76
N ALA A 260 -17.36 -15.14 -11.55
CA ALA A 260 -16.90 -14.18 -10.55
C ALA A 260 -17.09 -14.70 -9.12
N ASN A 261 -18.25 -15.27 -8.79
CA ASN A 261 -18.41 -15.80 -7.45
C ASN A 261 -18.08 -17.30 -7.35
N ASP A 262 -18.36 -18.01 -8.42
CA ASP A 262 -17.98 -19.40 -8.52
C ASP A 262 -16.98 -19.56 -9.67
N ASN A 263 -15.69 -19.45 -9.36
CA ASN A 263 -15.23 -19.23 -7.99
C ASN A 263 -14.03 -18.29 -7.94
N GLY A 264 -14.16 -17.17 -8.65
CA GLY A 264 -13.16 -16.11 -8.62
C GLY A 264 -13.04 -15.52 -7.23
N SER A 265 -14.15 -15.50 -6.49
CA SER A 265 -14.13 -14.97 -5.14
C SER A 265 -13.24 -15.80 -4.22
N GLY A 266 -13.40 -17.12 -4.25
CA GLY A 266 -12.67 -18.00 -3.37
C GLY A 266 -11.18 -17.92 -3.67
N THR A 267 -10.84 -18.10 -4.93
CA THR A 267 -9.51 -17.83 -5.42
C THR A 267 -8.94 -16.51 -4.91
N SER A 268 -9.76 -15.46 -4.92
CA SER A 268 -9.32 -14.12 -4.58
C SER A 268 -9.10 -13.97 -3.08
N VAL A 269 -9.99 -14.55 -2.28
CA VAL A 269 -9.86 -14.44 -0.83
C VAL A 269 -8.64 -15.25 -0.38
N MET A 270 -8.50 -16.44 -0.95
CA MET A 270 -7.37 -17.29 -0.68
C MET A 270 -6.08 -16.54 -0.95
N LEU A 271 -6.02 -15.84 -2.08
CA LEU A 271 -4.82 -15.10 -2.46
C LEU A 271 -4.47 -13.98 -1.49
N GLU A 272 -5.50 -13.23 -1.07
CA GLU A 272 -5.30 -12.11 -0.15
C GLU A 272 -4.90 -12.62 1.23
N MET A 273 -5.49 -13.74 1.62
CA MET A 273 -5.10 -14.40 2.86
C MET A 273 -3.62 -14.82 2.85
N ALA A 274 -3.12 -15.29 1.72
CA ALA A 274 -1.70 -15.60 1.66
C ALA A 274 -0.89 -14.33 1.89
N ARG A 275 -1.39 -13.20 1.39
CA ARG A 275 -0.70 -11.92 1.52
C ARG A 275 -0.65 -11.44 2.97
N VAL A 276 -1.73 -11.62 3.70
CA VAL A 276 -1.75 -11.27 5.12
C VAL A 276 -0.90 -12.22 5.95
N LEU A 277 -1.00 -13.51 5.64
CA LEU A 277 -0.30 -14.54 6.39
C LEU A 277 1.18 -14.59 5.99
N LYS A 278 1.53 -13.82 4.96
CA LYS A 278 2.91 -13.76 4.48
C LYS A 278 3.91 -13.43 5.59
N SER A 279 3.54 -12.54 6.50
CA SER A 279 4.48 -12.05 7.50
C SER A 279 4.07 -12.46 8.91
N VAL A 280 3.48 -13.64 9.02
CA VAL A 280 3.13 -14.18 10.32
C VAL A 280 3.92 -15.45 10.55
N PRO A 281 4.62 -15.52 11.68
CA PRO A 281 5.46 -16.70 11.98
C PRO A 281 4.64 -17.96 12.25
N SER A 282 5.10 -19.12 11.75
CA SER A 282 4.36 -20.36 11.96
C SER A 282 5.22 -21.63 11.85
N ASP A 283 4.98 -22.57 12.75
CA ASP A 283 5.62 -23.89 12.70
C ASP A 283 4.88 -24.81 11.75
N LYS A 284 3.79 -24.34 11.16
CA LYS A 284 3.03 -25.14 10.21
C LYS A 284 3.56 -24.88 8.80
N GLU A 285 3.58 -25.90 7.96
CA GLU A 285 3.79 -25.68 6.52
C GLU A 285 2.42 -25.35 5.89
N ILE A 286 2.26 -24.14 5.39
CA ILE A 286 0.97 -23.75 4.79
C ILE A 286 1.04 -23.83 3.27
N ARG A 287 0.10 -24.54 2.67
CA ARG A 287 0.06 -24.63 1.23
C ARG A 287 -1.20 -23.96 0.67
N PHE A 288 -1.02 -22.83 0.01
CA PHE A 288 -2.11 -22.15 -0.68
C PHE A 288 -2.23 -22.70 -2.07
N ILE A 289 -3.40 -23.21 -2.43
CA ILE A 289 -3.58 -23.84 -3.73
C ILE A 289 -4.80 -23.32 -4.49
N ALA A 290 -4.60 -22.99 -5.75
CA ALA A 290 -5.71 -22.79 -6.66
C ALA A 290 -5.92 -24.07 -7.51
N PHE A 291 -7.05 -24.74 -7.31
CA PHE A 291 -7.32 -26.01 -7.99
C PHE A 291 -7.94 -25.77 -9.38
N GLY A 292 -7.48 -26.52 -10.37
CA GLY A 292 -8.04 -26.40 -11.70
C GLY A 292 -9.07 -27.49 -11.90
N ALA A 293 -9.96 -27.25 -12.87
CA ALA A 293 -10.89 -28.26 -13.33
C ALA A 293 -11.71 -28.87 -12.19
N GLU A 294 -12.11 -28.04 -11.23
CA GLU A 294 -12.98 -28.51 -10.16
C GLU A 294 -14.36 -28.82 -10.73
N GLU A 295 -14.70 -28.00 -11.70
CA GLU A 295 -16.00 -27.90 -12.31
C GLU A 295 -16.32 -29.11 -13.19
N LEU A 296 -15.33 -29.99 -13.37
CA LEU A 296 -15.53 -31.25 -14.12
C LEU A 296 -15.62 -32.44 -13.19
N GLY A 297 -15.64 -32.20 -11.89
CA GLY A 297 -15.69 -33.28 -10.93
C GLY A 297 -14.44 -33.35 -10.07
N LEU A 298 -14.09 -32.21 -9.47
CA LEU A 298 -12.99 -32.09 -8.52
C LEU A 298 -11.70 -32.67 -9.07
N LEU A 299 -11.45 -32.47 -10.37
CA LEU A 299 -10.32 -33.12 -11.02
C LEU A 299 -8.97 -32.63 -10.49
N GLY A 300 -8.84 -31.34 -10.24
CA GLY A 300 -7.63 -30.81 -9.64
C GLY A 300 -7.31 -31.30 -8.23
N SER A 301 -8.23 -31.11 -7.29
CA SER A 301 -7.98 -31.52 -5.90
C SER A 301 -7.74 -33.03 -5.79
N SER A 302 -8.56 -33.83 -6.48
CA SER A 302 -8.40 -35.27 -6.46
C SER A 302 -7.01 -35.66 -6.98
N HIS A 303 -6.62 -35.05 -8.09
CA HIS A 303 -5.31 -35.33 -8.61
C HIS A 303 -4.26 -35.00 -7.58
N TYR A 304 -4.46 -33.87 -6.90
CA TYR A 304 -3.44 -33.35 -6.01
C TYR A 304 -3.31 -34.27 -4.81
N VAL A 305 -4.43 -34.52 -4.14
CA VAL A 305 -4.47 -35.36 -2.96
C VAL A 305 -3.93 -36.75 -3.27
N ASP A 306 -4.24 -37.27 -4.47
CA ASP A 306 -3.81 -38.62 -4.86
C ASP A 306 -2.31 -38.74 -4.96
N HIS A 307 -1.66 -37.62 -5.31
CA HIS A 307 -0.22 -37.59 -5.47
C HIS A 307 0.53 -37.12 -4.23
N LEU A 308 -0.19 -36.92 -3.13
CA LEU A 308 0.46 -36.74 -1.84
C LEU A 308 1.08 -38.09 -1.42
N SER A 309 2.29 -38.05 -0.89
CA SER A 309 2.94 -39.26 -0.35
C SER A 309 2.35 -39.64 1.00
N GLU A 310 2.58 -40.88 1.41
CA GLU A 310 2.01 -41.35 2.66
C GLU A 310 2.53 -40.52 3.83
N LYS A 311 3.81 -40.15 3.78
CA LYS A 311 4.41 -39.25 4.77
C LYS A 311 3.64 -37.93 4.85
N GLU A 312 3.36 -37.33 3.71
CA GLU A 312 2.65 -36.06 3.66
C GLU A 312 1.23 -36.20 4.19
N LEU A 313 0.55 -37.29 3.83
CA LEU A 313 -0.77 -37.53 4.36
C LEU A 313 -0.77 -37.53 5.89
N LYS A 314 0.19 -38.22 6.49
CA LYS A 314 0.25 -38.30 7.93
C LYS A 314 0.55 -36.96 8.60
N ARG A 315 1.16 -36.03 7.87
CA ARG A 315 1.43 -34.69 8.41
C ARG A 315 0.27 -33.71 8.20
N SER A 316 -0.63 -34.06 7.28
CA SER A 316 -1.70 -33.15 6.88
C SER A 316 -2.70 -32.95 7.98
N GLU A 317 -2.90 -31.70 8.40
CA GLU A 317 -3.72 -31.42 9.55
C GLU A 317 -5.12 -31.00 9.15
N VAL A 318 -5.20 -30.11 8.16
CA VAL A 318 -6.46 -29.43 7.97
C VAL A 318 -6.53 -28.72 6.62
N ASN A 319 -7.70 -28.78 5.98
CA ASN A 319 -7.96 -28.08 4.73
C ASN A 319 -9.13 -27.11 4.89
N PHE A 320 -8.84 -25.83 4.71
CA PHE A 320 -9.83 -24.78 4.57
C PHE A 320 -10.11 -24.50 3.09
N ASN A 321 -11.30 -24.82 2.59
CA ASN A 321 -11.59 -24.58 1.19
C ASN A 321 -12.58 -23.42 0.99
N LEU A 322 -12.25 -22.51 0.08
CA LEU A 322 -13.06 -21.35 -0.18
C LEU A 322 -13.73 -21.44 -1.55
N ASP A 323 -15.05 -21.51 -1.57
CA ASP A 323 -15.78 -21.62 -2.84
C ASP A 323 -17.13 -20.94 -2.71
N MET A 324 -17.22 -19.74 -3.27
CA MET A 324 -18.42 -18.87 -3.31
C MET A 324 -18.55 -18.12 -1.98
N VAL A 325 -17.70 -17.12 -1.81
CA VAL A 325 -17.62 -16.37 -0.58
C VAL A 325 -17.75 -14.88 -0.85
N GLY A 326 -18.37 -14.56 -1.99
CA GLY A 326 -18.63 -13.18 -2.34
C GLY A 326 -19.94 -12.79 -3.02
N THR A 327 -20.98 -13.63 -2.98
CA THR A 327 -22.23 -13.23 -3.64
C THR A 327 -22.86 -12.00 -2.97
N SER A 328 -23.32 -11.06 -3.79
CA SER A 328 -23.99 -9.86 -3.26
C SER A 328 -25.49 -10.09 -3.11
N TRP A 329 -25.95 -11.28 -3.49
CA TRP A 329 -27.34 -11.68 -3.32
C TRP A 329 -27.79 -11.41 -1.89
N GLU A 330 -28.59 -10.36 -1.72
CA GLU A 330 -28.95 -9.86 -0.38
C GLU A 330 -29.43 -10.96 0.59
N LYS A 331 -30.19 -11.94 0.09
CA LYS A 331 -30.71 -13.00 0.95
C LYS A 331 -29.65 -13.95 1.51
N ALA A 332 -28.45 -13.95 0.94
CA ALA A 332 -27.47 -14.99 1.26
C ALA A 332 -26.51 -14.54 2.35
N SER A 333 -26.98 -14.45 3.60
CA SER A 333 -26.21 -13.80 4.66
C SER A 333 -25.64 -14.75 5.72
N GLU A 334 -26.00 -16.02 5.66
CA GLU A 334 -25.42 -17.05 6.52
C GLU A 334 -24.18 -17.74 5.87
N LEU A 335 -23.00 -17.63 6.51
CA LEU A 335 -21.79 -18.33 6.06
C LEU A 335 -21.80 -19.78 6.50
N TYR A 336 -21.90 -20.70 5.56
CA TYR A 336 -21.96 -22.11 5.90
C TYR A 336 -20.59 -22.77 5.82
N VAL A 337 -20.34 -23.66 6.79
CA VAL A 337 -19.13 -24.46 6.82
C VAL A 337 -19.53 -25.89 6.51
N ASN A 338 -19.24 -26.32 5.29
CA ASN A 338 -19.69 -27.61 4.82
C ASN A 338 -18.69 -28.73 5.09
N THR A 339 -19.13 -29.79 5.76
CA THR A 339 -18.29 -30.98 5.84
C THR A 339 -19.00 -32.16 5.21
N LEU A 340 -18.23 -33.04 4.60
CA LEU A 340 -18.79 -34.10 3.80
C LEU A 340 -19.74 -34.98 4.61
N ASP A 341 -19.57 -35.00 5.93
CA ASP A 341 -20.40 -35.87 6.75
C ASP A 341 -21.26 -35.08 7.74
N GLY A 342 -21.28 -33.76 7.58
CA GLY A 342 -22.11 -32.89 8.40
C GLY A 342 -21.62 -32.72 9.83
N GLN A 343 -20.56 -33.45 10.18
CA GLN A 343 -20.04 -33.50 11.54
C GLN A 343 -18.82 -32.62 11.76
N SER A 344 -18.76 -31.99 12.93
CA SER A 344 -17.62 -31.16 13.34
C SER A 344 -16.24 -31.81 13.15
N ASN A 345 -15.22 -30.97 12.94
CA ASN A 345 -13.83 -31.37 12.82
C ASN A 345 -12.93 -30.16 13.10
N TYR A 346 -11.60 -30.32 12.98
CA TYR A 346 -10.70 -29.21 13.29
C TYR A 346 -11.04 -27.89 12.57
N VAL A 347 -11.44 -27.96 11.29
CA VAL A 347 -11.75 -26.74 10.53
C VAL A 347 -12.90 -26.02 11.19
N TRP A 348 -13.91 -26.81 11.52
CA TRP A 348 -15.06 -26.29 12.21
C TRP A 348 -14.65 -25.66 13.55
N GLU A 349 -13.93 -26.45 14.35
CA GLU A 349 -13.47 -26.03 15.67
C GLU A 349 -12.75 -24.69 15.60
N SER A 350 -11.77 -24.58 14.69
CA SER A 350 -11.06 -23.31 14.47
C SER A 350 -11.97 -22.16 14.05
N SER A 351 -12.96 -22.43 13.20
CA SER A 351 -13.88 -21.41 12.71
C SER A 351 -14.80 -20.89 13.81
N ARG A 352 -15.43 -21.83 14.51
CA ARG A 352 -16.27 -21.48 15.65
C ARG A 352 -15.54 -20.59 16.63
N THR A 353 -14.29 -20.94 16.96
CA THR A 353 -13.48 -20.12 17.85
C THR A 353 -13.23 -18.73 17.26
N ALA A 354 -12.82 -18.67 16.00
CA ALA A 354 -12.52 -17.40 15.38
C ALA A 354 -13.77 -16.53 15.31
N ALA A 355 -14.92 -17.18 15.23
CA ALA A 355 -16.19 -16.47 15.23
C ALA A 355 -16.35 -15.67 16.53
N GLU A 356 -16.20 -16.36 17.66
CA GLU A 356 -16.33 -15.71 18.97
C GLU A 356 -15.31 -14.59 19.11
N LYS A 357 -14.13 -14.78 18.53
CA LYS A 357 -13.07 -13.79 18.69
C LYS A 357 -13.38 -12.51 17.93
N ILE A 358 -14.03 -12.65 16.78
CA ILE A 358 -14.24 -11.51 15.90
C ILE A 358 -15.64 -10.92 16.02
N GLY A 359 -16.53 -11.66 16.68
CA GLY A 359 -17.90 -11.22 16.80
C GLY A 359 -18.61 -11.41 15.47
N PHE A 360 -19.22 -12.59 15.32
CA PHE A 360 -19.86 -13.01 14.08
C PHE A 360 -20.84 -14.14 14.41
N ASP A 361 -22.13 -13.84 14.30
CA ASP A 361 -23.15 -14.77 14.77
C ASP A 361 -23.72 -15.66 13.64
N SER A 362 -23.51 -15.22 12.40
CA SER A 362 -24.12 -15.90 11.25
C SER A 362 -23.27 -17.03 10.67
N LEU A 363 -22.73 -17.91 11.53
CA LEU A 363 -21.89 -19.02 11.08
C LEU A 363 -22.54 -20.35 11.42
N SER A 364 -22.58 -21.29 10.47
CA SER A 364 -23.26 -22.53 10.73
C SER A 364 -22.55 -23.73 10.14
N LEU A 365 -22.44 -24.79 10.92
CA LEU A 365 -21.96 -26.03 10.38
C LEU A 365 -23.10 -26.63 9.61
N THR A 366 -22.79 -27.37 8.56
CA THR A 366 -23.80 -28.16 7.88
C THR A 366 -23.06 -29.16 7.04
N GLN A 367 -23.82 -30.08 6.44
CA GLN A 367 -23.27 -31.05 5.49
C GLN A 367 -23.21 -30.49 4.08
N GLY A 368 -22.20 -30.90 3.32
CA GLY A 368 -22.11 -30.55 1.90
C GLY A 368 -20.84 -31.02 1.23
N GLY A 369 -20.98 -31.62 0.05
CA GLY A 369 -19.82 -31.99 -0.73
C GLY A 369 -19.64 -31.02 -1.89
N SER A 370 -19.26 -31.58 -3.03
CA SER A 370 -19.24 -30.86 -4.31
C SER A 370 -18.28 -29.66 -4.40
N SER A 371 -17.19 -29.72 -3.65
CA SER A 371 -16.09 -28.79 -3.85
C SER A 371 -14.80 -29.52 -3.49
N ASP A 372 -13.70 -28.77 -3.37
CA ASP A 372 -12.38 -29.39 -3.39
C ASP A 372 -11.95 -29.84 -1.99
N HIS A 373 -12.74 -29.52 -0.97
CA HIS A 373 -12.54 -30.09 0.35
C HIS A 373 -12.82 -31.59 0.39
N VAL A 374 -13.61 -32.09 -0.56
CA VAL A 374 -14.05 -33.49 -0.55
C VAL A 374 -12.92 -34.53 -0.73
N PRO A 375 -11.99 -34.31 -1.69
CA PRO A 375 -10.89 -35.28 -1.79
C PRO A 375 -10.01 -35.35 -0.52
N PHE A 376 -9.86 -34.22 0.17
CA PHE A 376 -9.15 -34.20 1.44
C PHE A 376 -9.85 -35.05 2.49
N HIS A 377 -11.17 -34.88 2.58
CA HIS A 377 -12.00 -35.69 3.47
C HIS A 377 -11.84 -37.19 3.19
N GLU A 378 -11.96 -37.58 1.93
CA GLU A 378 -11.76 -38.97 1.51
C GLU A 378 -10.37 -39.51 1.87
N ALA A 379 -9.42 -38.61 2.06
CA ALA A 379 -8.04 -39.00 2.41
C ALA A 379 -7.82 -39.06 3.92
N GLY A 380 -8.75 -38.55 4.72
CA GLY A 380 -8.64 -38.64 6.16
C GLY A 380 -8.35 -37.32 6.82
N ILE A 381 -8.31 -36.26 6.01
CA ILE A 381 -7.83 -34.98 6.48
C ILE A 381 -9.02 -34.09 6.80
N ASP A 382 -9.04 -33.53 8.00
CA ASP A 382 -10.08 -32.60 8.41
C ASP A 382 -10.27 -31.48 7.36
N SER A 383 -11.42 -31.47 6.69
CA SER A 383 -11.65 -30.43 5.69
C SER A 383 -13.04 -29.86 5.76
N ALA A 384 -13.21 -28.70 5.14
CA ALA A 384 -14.49 -28.04 5.12
C ALA A 384 -14.52 -27.04 3.99
N ASN A 385 -15.69 -26.87 3.38
CA ASN A 385 -15.83 -25.84 2.36
C ASN A 385 -16.68 -24.68 2.89
N PHE A 386 -16.15 -23.46 2.80
CA PHE A 386 -16.87 -22.24 3.17
C PHE A 386 -17.63 -21.67 2.00
N ILE A 387 -18.88 -21.24 2.24
CA ILE A 387 -19.74 -20.72 1.19
C ILE A 387 -20.98 -19.99 1.74
N TRP A 388 -21.30 -18.83 1.16
CA TRP A 388 -22.49 -18.11 1.56
C TRP A 388 -23.78 -18.85 1.15
N GLY A 389 -24.86 -18.55 1.83
CA GLY A 389 -26.12 -19.25 1.64
C GLY A 389 -27.26 -18.50 2.30
N ASP A 390 -28.48 -18.84 1.89
CA ASP A 390 -29.68 -18.21 2.44
C ASP A 390 -30.01 -18.84 3.80
N PRO A 391 -29.98 -18.01 4.87
CA PRO A 391 -30.26 -18.43 6.25
C PRO A 391 -31.45 -19.36 6.38
N GLU A 392 -32.49 -19.13 5.59
CA GLU A 392 -33.69 -19.95 5.58
C GLU A 392 -33.49 -21.28 4.88
N THR A 393 -33.25 -21.22 3.57
CA THR A 393 -33.29 -22.42 2.71
C THR A 393 -31.92 -22.98 2.36
N GLU A 394 -30.86 -22.30 2.81
CA GLU A 394 -29.47 -22.75 2.67
C GLU A 394 -28.91 -22.51 1.25
N GLU A 395 -29.78 -22.23 0.28
CA GLU A 395 -29.37 -22.26 -1.12
C GLU A 395 -28.55 -21.05 -1.53
N VAL A 396 -28.09 -21.08 -2.78
CA VAL A 396 -27.18 -20.06 -3.29
C VAL A 396 -27.91 -19.12 -4.26
N GLU A 397 -27.28 -18.01 -4.59
CA GLU A 397 -27.85 -17.05 -5.51
C GLU A 397 -28.39 -17.70 -6.79
N PRO A 398 -29.32 -17.01 -7.46
CA PRO A 398 -29.84 -17.57 -8.70
C PRO A 398 -28.86 -17.45 -9.87
N TRP A 399 -27.85 -16.59 -9.74
CA TRP A 399 -26.91 -16.33 -10.83
C TRP A 399 -25.85 -17.44 -11.01
N TYR A 400 -25.67 -18.23 -9.96
CA TYR A 400 -24.70 -19.31 -9.93
C TYR A 400 -24.75 -20.14 -11.23
N HIS A 401 -23.60 -20.29 -11.87
CA HIS A 401 -23.46 -21.04 -13.13
C HIS A 401 -24.18 -20.42 -14.33
N THR A 402 -24.34 -19.11 -14.35
CA THR A 402 -24.98 -18.43 -15.47
C THR A 402 -24.06 -17.31 -15.92
N PRO A 403 -24.35 -16.71 -17.10
CA PRO A 403 -23.54 -15.56 -17.54
C PRO A 403 -23.68 -14.35 -16.62
N GLU A 404 -24.62 -14.43 -15.69
CA GLU A 404 -24.86 -13.34 -14.77
C GLU A 404 -24.00 -13.48 -13.50
N ASP A 405 -23.23 -14.56 -13.43
CA ASP A 405 -22.25 -14.73 -12.35
C ASP A 405 -21.06 -13.79 -12.58
N SER A 406 -21.33 -12.49 -12.43
CA SER A 406 -20.40 -11.44 -12.85
C SER A 406 -19.93 -10.60 -11.68
N ILE A 407 -18.90 -9.81 -11.88
CA ILE A 407 -18.35 -9.04 -10.78
C ILE A 407 -19.39 -8.04 -10.25
N GLU A 408 -20.40 -7.75 -11.07
CA GLU A 408 -21.50 -6.86 -10.72
C GLU A 408 -22.32 -7.37 -9.53
N HIS A 409 -22.21 -8.66 -9.26
CA HIS A 409 -22.93 -9.29 -8.17
C HIS A 409 -21.96 -9.81 -7.12
N ILE A 410 -20.83 -9.12 -7.02
CA ILE A 410 -19.91 -9.39 -5.95
C ILE A 410 -20.08 -8.29 -4.90
N SER A 411 -20.39 -8.72 -3.68
CA SER A 411 -20.44 -7.82 -2.54
C SER A 411 -19.05 -7.68 -1.92
N LYS A 412 -18.51 -6.46 -1.96
CA LYS A 412 -17.25 -6.12 -1.32
C LYS A 412 -17.33 -6.34 0.20
N GLU A 413 -18.52 -6.08 0.76
CA GLU A 413 -18.78 -6.32 2.17
C GLU A 413 -18.73 -7.80 2.52
N ARG A 414 -19.25 -8.65 1.65
CA ARG A 414 -19.36 -10.08 1.92
C ARG A 414 -18.02 -10.80 1.76
N LEU A 415 -17.16 -10.25 0.91
CA LEU A 415 -15.79 -10.72 0.78
C LEU A 415 -15.02 -10.43 2.08
N GLN A 416 -15.30 -9.27 2.66
CA GLN A 416 -14.63 -8.83 3.87
C GLN A 416 -15.02 -9.74 5.05
N GLN A 417 -16.30 -10.03 5.17
CA GLN A 417 -16.78 -10.86 6.27
C GLN A 417 -16.21 -12.26 6.20
N ALA A 418 -16.26 -12.84 5.01
CA ALA A 418 -15.75 -14.19 4.79
C ALA A 418 -14.24 -14.18 4.99
N GLY A 419 -13.58 -13.17 4.44
CA GLY A 419 -12.15 -13.00 4.60
C GLY A 419 -11.74 -12.94 6.06
N ASP A 420 -12.24 -11.93 6.76
CA ASP A 420 -11.92 -11.72 8.18
C ASP A 420 -12.17 -13.00 9.01
N LEU A 421 -13.20 -13.77 8.61
CA LEU A 421 -13.52 -15.00 9.34
C LEU A 421 -12.53 -16.12 9.04
N VAL A 422 -12.28 -16.39 7.75
CA VAL A 422 -11.45 -17.55 7.41
C VAL A 422 -10.00 -17.28 7.78
N THR A 423 -9.56 -16.03 7.64
CA THR A 423 -8.19 -15.64 7.93
C THR A 423 -7.91 -15.80 9.43
N ALA A 424 -8.92 -15.49 10.24
CA ALA A 424 -8.81 -15.65 11.69
C ALA A 424 -8.78 -17.11 12.04
N ALA A 425 -9.68 -17.87 11.45
CA ALA A 425 -9.73 -19.30 11.67
C ALA A 425 -8.38 -19.96 11.32
N VAL A 426 -7.81 -19.56 10.19
CA VAL A 426 -6.54 -20.09 9.75
C VAL A 426 -5.44 -19.65 10.73
N TYR A 427 -5.52 -18.40 11.19
CA TYR A 427 -4.58 -17.92 12.19
C TYR A 427 -4.58 -18.87 13.38
N GLU A 428 -5.78 -19.15 13.90
CA GLU A 428 -5.93 -20.02 15.04
C GLU A 428 -5.18 -21.33 14.80
N ALA A 429 -5.25 -21.83 13.57
CA ALA A 429 -4.59 -23.07 13.19
C ALA A 429 -3.06 -23.00 13.13
N VAL A 430 -2.51 -21.94 12.54
CA VAL A 430 -1.08 -21.91 12.22
C VAL A 430 -0.21 -21.09 13.17
N LYS A 431 -0.81 -20.31 14.07
CA LYS A 431 -0.05 -19.43 14.96
C LYS A 431 0.76 -20.23 15.99
N LYS A 432 1.72 -19.56 16.64
CA LYS A 432 2.62 -20.23 17.59
C LYS A 432 2.12 -20.15 19.02
N LYS A 444 -15.24 -42.90 1.05
CA LYS A 444 -15.57 -42.46 -0.32
C LYS A 444 -16.89 -41.70 -0.42
N ALA A 445 -16.95 -40.77 -1.37
CA ALA A 445 -18.13 -39.94 -1.55
C ALA A 445 -18.96 -40.42 -2.74
N LYS A 446 -20.26 -40.20 -2.68
CA LYS A 446 -21.12 -40.54 -3.82
C LYS A 446 -21.01 -39.47 -4.91
N ALA A 447 -21.54 -39.77 -6.09
CA ALA A 447 -21.51 -38.83 -7.21
C ALA A 447 -22.09 -37.48 -6.82
N SER A 448 -23.15 -37.51 -6.03
CA SER A 448 -23.88 -36.31 -5.67
C SER A 448 -23.10 -35.45 -4.70
N ASP A 449 -22.08 -36.02 -4.08
CA ASP A 449 -21.20 -35.25 -3.20
C ASP A 449 -19.93 -34.80 -3.91
N ILE A 450 -19.71 -35.33 -5.10
CA ILE A 450 -18.56 -35.01 -5.91
C ILE A 450 -18.89 -33.99 -7.00
N PHE A 451 -19.87 -34.30 -7.85
CA PHE A 451 -20.18 -33.47 -9.01
C PHE A 451 -21.20 -32.38 -8.72
N GLU A 452 -21.38 -31.47 -9.67
CA GLU A 452 -22.47 -30.48 -9.62
C GLU A 452 -23.42 -30.68 -10.81
N ASP A 453 -24.68 -30.29 -10.64
CA ASP A 453 -25.71 -30.35 -11.69
C ASP A 453 -25.79 -31.70 -12.43
N ILE A 454 -25.96 -32.81 -11.72
CA ILE A 454 -26.04 -34.11 -12.44
C ILE A 454 -27.46 -34.56 -12.76
N LYS A 455 -28.44 -33.72 -12.42
CA LYS A 455 -29.81 -33.96 -12.84
C LYS A 455 -30.61 -32.64 -12.81
N ARG B 39 -0.17 18.32 11.15
CA ARG B 39 0.23 17.58 9.97
C ARG B 39 0.17 16.07 10.16
N GLU B 40 -0.37 15.35 9.17
CA GLU B 40 -0.34 13.90 9.15
C GLU B 40 1.08 13.43 8.93
N LEU B 41 1.49 12.42 9.68
CA LEU B 41 2.78 11.76 9.52
C LEU B 41 2.56 10.27 9.43
N PRO B 42 2.23 9.77 8.24
CA PRO B 42 1.80 8.37 8.04
C PRO B 42 2.94 7.35 8.04
N PHE B 43 3.47 7.04 9.22
CA PHE B 43 4.47 5.98 9.38
C PHE B 43 3.87 4.62 9.10
N LYS B 44 4.57 3.80 8.32
CA LYS B 44 4.05 2.48 7.97
C LYS B 44 4.93 1.36 8.50
N ALA B 45 4.53 0.78 9.64
CA ALA B 45 5.34 -0.26 10.29
C ALA B 45 5.56 -1.44 9.36
N LYS B 46 4.56 -1.72 8.53
CA LYS B 46 4.61 -2.67 7.42
C LYS B 46 5.96 -2.60 6.69
N HIS B 47 6.31 -1.41 6.21
CA HIS B 47 7.59 -1.15 5.56
C HIS B 47 8.82 -1.52 6.41
N ALA B 48 8.82 -1.04 7.65
CA ALA B 48 9.89 -1.28 8.61
C ALA B 48 10.06 -2.77 8.85
N TYR B 49 8.95 -3.48 9.01
CA TYR B 49 8.98 -4.95 9.17
C TYR B 49 9.69 -5.63 8.00
N SER B 50 9.43 -5.13 6.81
CA SER B 50 10.02 -5.65 5.59
C SER B 50 11.55 -5.46 5.59
N THR B 51 12.02 -4.27 5.93
CA THR B 51 13.45 -3.99 6.04
C THR B 51 14.13 -4.89 7.12
N ILE B 52 13.50 -5.00 8.28
CA ILE B 52 13.97 -5.95 9.29
C ILE B 52 14.16 -7.37 8.71
N SER B 53 13.23 -7.81 7.85
CA SER B 53 13.35 -9.12 7.23
C SER B 53 14.56 -9.18 6.30
N GLN B 54 14.76 -8.11 5.52
CA GLN B 54 15.86 -8.04 4.57
C GLN B 54 17.20 -8.11 5.32
N LEU B 55 17.30 -7.33 6.38
CA LEU B 55 18.50 -7.31 7.19
C LEU B 55 18.71 -8.65 7.90
N SER B 56 17.69 -9.15 8.59
CA SER B 56 17.91 -10.27 9.52
C SER B 56 17.62 -11.69 8.96
N GLU B 57 16.79 -11.82 7.95
CA GLU B 57 16.59 -13.14 7.34
C GLU B 57 17.40 -13.33 6.06
N ALA B 58 17.19 -12.44 5.09
CA ALA B 58 17.92 -12.50 3.82
C ALA B 58 19.45 -12.45 4.05
N ILE B 59 19.93 -11.41 4.72
CA ILE B 59 21.35 -11.31 5.03
C ILE B 59 21.73 -12.09 6.30
N GLY B 60 20.97 -11.94 7.40
CA GLY B 60 21.23 -12.65 8.65
C GLY B 60 22.14 -11.86 9.58
N PRO B 61 22.94 -12.53 10.41
CA PRO B 61 23.89 -11.80 11.29
C PRO B 61 24.84 -10.88 10.53
N ARG B 62 25.00 -9.64 10.98
CA ARG B 62 25.80 -8.65 10.28
C ARG B 62 26.95 -8.15 11.15
N ILE B 63 27.88 -9.04 11.46
CA ILE B 63 28.97 -8.73 12.36
C ILE B 63 29.89 -7.62 11.84
N ALA B 64 30.21 -6.69 12.76
CA ALA B 64 31.07 -5.56 12.46
C ALA B 64 32.35 -5.99 11.76
N GLY B 65 32.65 -5.36 10.63
CA GLY B 65 33.85 -5.69 9.86
C GLY B 65 33.76 -6.83 8.86
N THR B 66 32.59 -7.48 8.70
CA THR B 66 32.45 -8.65 7.82
C THR B 66 31.72 -8.38 6.51
N ALA B 67 31.78 -9.38 5.63
CA ALA B 67 31.11 -9.35 4.31
C ALA B 67 29.63 -9.02 4.46
N ALA B 68 28.98 -9.61 5.47
CA ALA B 68 27.56 -9.38 5.72
C ALA B 68 27.24 -7.94 6.10
N GLU B 69 28.10 -7.30 6.89
CA GLU B 69 27.92 -5.89 7.22
C GLU B 69 28.10 -5.02 5.98
N LYS B 70 29.00 -5.43 5.08
CA LYS B 70 29.21 -4.69 3.83
C LYS B 70 28.00 -4.86 2.91
N LYS B 71 27.50 -6.09 2.78
CA LYS B 71 26.30 -6.29 1.96
C LYS B 71 25.16 -5.43 2.48
N SER B 72 24.98 -5.41 3.79
CA SER B 72 23.92 -4.61 4.41
C SER B 72 24.12 -3.12 4.13
N ALA B 73 25.35 -2.66 4.25
CA ALA B 73 25.67 -1.30 3.87
C ALA B 73 25.18 -1.04 2.43
N LEU B 74 25.49 -1.94 1.51
CA LEU B 74 24.98 -1.82 0.14
C LEU B 74 23.46 -1.66 0.07
N LEU B 75 22.74 -2.50 0.80
CA LEU B 75 21.28 -2.43 0.78
C LEU B 75 20.77 -1.07 1.31
N ILE B 76 21.27 -0.66 2.46
CA ILE B 76 20.86 0.58 3.07
C ILE B 76 21.13 1.78 2.17
N ALA B 77 22.33 1.87 1.61
CA ALA B 77 22.64 2.86 0.57
C ALA B 77 21.57 3.00 -0.53
N SER B 78 21.20 1.89 -1.18
CA SER B 78 20.18 1.91 -2.22
C SER B 78 18.82 2.42 -1.73
N SER B 79 18.40 1.95 -0.56
CA SER B 79 17.13 2.38 0.03
C SER B 79 17.13 3.89 0.19
N MET B 80 18.20 4.43 0.74
CA MET B 80 18.32 5.87 0.94
C MET B 80 18.26 6.67 -0.39
N ARG B 81 18.80 6.10 -1.45
CA ARG B 81 18.82 6.79 -2.73
C ARG B 81 17.42 6.81 -3.33
N LYS B 82 16.71 5.70 -3.17
CA LYS B 82 15.32 5.63 -3.61
C LYS B 82 14.49 6.71 -2.93
N LEU B 83 14.94 7.14 -1.77
CA LEU B 83 14.25 8.15 -0.97
C LEU B 83 14.71 9.56 -1.25
N LYS B 84 15.48 9.73 -2.33
CA LYS B 84 16.02 11.03 -2.74
C LYS B 84 16.91 11.69 -1.67
N LEU B 85 17.74 10.87 -1.03
CA LEU B 85 18.74 11.36 -0.10
C LEU B 85 20.13 11.52 -0.77
N ASP B 86 20.91 12.51 -0.36
CA ASP B 86 22.32 12.57 -0.79
C ASP B 86 23.09 11.54 0.03
N VAL B 87 23.64 10.53 -0.64
CA VAL B 87 24.22 9.38 0.05
C VAL B 87 25.73 9.23 -0.13
N LYS B 88 26.42 9.06 1.00
CA LYS B 88 27.85 8.69 1.00
C LYS B 88 28.10 7.50 1.92
N VAL B 89 28.99 6.60 1.53
CA VAL B 89 29.50 5.64 2.48
C VAL B 89 30.81 6.18 3.04
N GLN B 90 30.97 6.07 4.35
CA GLN B 90 32.14 6.60 5.06
C GLN B 90 32.86 5.44 5.70
N ARG B 91 34.07 5.12 5.21
CA ARG B 91 34.79 3.93 5.66
C ARG B 91 35.68 4.25 6.83
N PHE B 92 35.94 3.27 7.68
CA PHE B 92 36.81 3.57 8.81
C PHE B 92 37.47 2.28 9.28
N ASN B 93 38.61 2.41 9.95
CA ASN B 93 39.38 1.26 10.43
C ASN B 93 38.85 0.81 11.78
N ILE B 94 38.84 -0.51 12.01
CA ILE B 94 38.42 -1.06 13.29
C ILE B 94 39.53 -2.00 13.74
N PRO B 95 39.42 -2.56 14.97
CA PRO B 95 40.65 -3.27 15.34
C PRO B 95 40.77 -4.64 14.73
N ASP B 96 41.91 -5.26 15.01
CA ASP B 96 42.26 -6.54 14.42
C ASP B 96 41.23 -7.60 14.82
N ARG B 97 40.94 -8.48 13.88
CA ARG B 97 39.98 -9.53 14.10
C ARG B 97 40.75 -10.81 14.44
N LEU B 98 40.34 -11.51 15.48
CA LEU B 98 41.07 -12.70 15.91
C LEU B 98 40.32 -14.00 15.60
N GLU B 99 41.00 -14.93 14.94
CA GLU B 99 40.38 -16.21 14.61
C GLU B 99 41.24 -17.38 15.10
N GLY B 100 40.60 -18.48 15.47
CA GLY B 100 41.35 -19.69 15.76
C GLY B 100 40.64 -20.80 16.51
N THR B 101 41.45 -21.70 17.06
CA THR B 101 40.94 -22.97 17.58
C THR B 101 41.45 -23.29 18.98
N LEU B 102 40.72 -24.18 19.65
CA LEU B 102 41.05 -24.61 21.00
C LEU B 102 40.82 -26.11 21.21
N SER B 103 41.85 -26.84 21.67
CA SER B 103 41.67 -28.24 22.03
C SER B 103 42.37 -28.67 23.33
N SER B 104 41.89 -29.78 23.88
CA SER B 104 42.39 -30.31 25.14
C SER B 104 42.01 -31.80 25.30
N ALA B 105 43.03 -32.65 25.45
CA ALA B 105 42.92 -34.09 25.20
C ALA B 105 42.40 -34.26 23.78
N GLY B 106 41.33 -35.00 23.56
CA GLY B 106 40.89 -35.16 22.18
C GLY B 106 39.75 -34.23 21.80
N ARG B 107 39.37 -33.36 22.73
CA ARG B 107 38.18 -32.51 22.57
C ARG B 107 38.50 -31.17 21.89
N ASP B 108 38.02 -31.00 20.67
CA ASP B 108 38.17 -29.72 20.01
C ASP B 108 37.00 -28.82 20.44
N ILE B 109 37.28 -27.51 20.59
CA ILE B 109 36.34 -26.57 21.21
C ILE B 109 36.08 -25.30 20.42
N LEU B 110 34.79 -24.99 20.22
CA LEU B 110 34.40 -23.76 19.55
C LEU B 110 34.63 -22.57 20.46
N LEU B 111 35.15 -21.49 19.88
CA LEU B 111 35.55 -20.33 20.66
C LEU B 111 35.26 -19.00 19.98
N GLN B 112 35.06 -17.98 20.80
CA GLN B 112 35.04 -16.58 20.37
C GLN B 112 36.17 -15.81 21.08
N ALA B 113 37.04 -15.18 20.32
CA ALA B 113 38.15 -14.44 20.86
C ALA B 113 37.82 -12.96 21.05
N ALA B 114 38.25 -12.40 22.17
CA ALA B 114 37.95 -11.03 22.54
C ALA B 114 38.76 -10.05 21.73
N SER B 115 38.07 -9.04 21.21
CA SER B 115 38.72 -7.98 20.45
C SER B 115 39.78 -7.31 21.33
N GLY B 116 40.92 -7.00 20.76
CA GLY B 116 41.99 -6.36 21.51
C GLY B 116 42.78 -7.25 22.45
N SER B 117 42.58 -8.57 22.39
CA SER B 117 43.46 -9.48 23.15
C SER B 117 44.56 -10.01 22.24
N ALA B 118 45.41 -10.87 22.78
CA ALA B 118 46.60 -11.32 22.02
C ALA B 118 46.36 -12.50 21.09
N PRO B 119 46.98 -12.47 19.91
CA PRO B 119 47.09 -13.64 19.04
C PRO B 119 48.13 -14.62 19.59
N THR B 120 48.06 -15.92 19.27
CA THR B 120 49.17 -16.83 19.55
C THR B 120 50.04 -16.95 18.30
N GLU B 121 51.29 -17.38 18.45
CA GLU B 121 52.12 -17.60 17.27
C GLU B 121 51.67 -18.88 16.55
N GLU B 122 52.08 -19.00 15.29
CA GLU B 122 51.56 -20.01 14.35
C GLU B 122 51.50 -21.39 14.94
N GLN B 123 52.59 -21.79 15.59
CA GLN B 123 52.71 -23.09 16.25
C GLN B 123 51.48 -23.42 17.08
N GLY B 124 50.99 -22.42 17.79
CA GLY B 124 49.94 -22.59 18.77
C GLY B 124 50.50 -22.39 20.15
N LEU B 125 49.61 -22.23 21.11
CA LEU B 125 50.01 -22.10 22.49
C LEU B 125 49.58 -23.35 23.24
N THR B 126 50.55 -24.11 23.73
CA THR B 126 50.24 -25.22 24.62
C THR B 126 50.83 -24.98 26.01
N ALA B 127 50.01 -25.19 27.05
CA ALA B 127 50.39 -24.88 28.40
C ALA B 127 49.36 -25.46 29.37
N PRO B 128 49.72 -25.57 30.66
CA PRO B 128 48.74 -26.22 31.52
C PRO B 128 47.57 -25.33 31.83
N LEU B 129 46.48 -25.98 32.22
CA LEU B 129 45.28 -25.31 32.64
C LEU B 129 45.34 -25.04 34.13
N TYR B 130 44.77 -23.91 34.51
CA TYR B 130 44.64 -23.49 35.90
C TYR B 130 43.19 -23.11 36.17
N ASN B 131 42.58 -23.73 37.17
CA ASN B 131 41.21 -23.40 37.53
C ASN B 131 41.14 -22.16 38.43
N ALA B 132 40.28 -21.21 38.06
CA ALA B 132 40.27 -19.93 38.76
C ALA B 132 38.89 -19.47 39.18
N GLY B 133 37.90 -20.37 39.15
CA GLY B 133 36.53 -20.01 39.51
C GLY B 133 36.01 -18.83 38.70
N LEU B 134 35.49 -17.82 39.39
CA LEU B 134 35.01 -16.58 38.75
C LEU B 134 36.16 -15.65 38.46
N GLY B 135 37.37 -16.04 38.84
CA GLY B 135 38.55 -15.31 38.46
C GLY B 135 38.85 -14.09 39.29
N TYR B 136 38.32 -14.07 40.51
CA TYR B 136 38.71 -13.04 41.47
C TYR B 136 40.23 -13.05 41.66
N GLN B 137 40.79 -11.96 42.18
CA GLN B 137 42.24 -11.89 42.39
C GLN B 137 42.73 -12.95 43.38
N LYS B 138 41.89 -13.26 44.36
CA LYS B 138 42.19 -14.31 45.33
C LYS B 138 42.48 -15.63 44.60
N ASP B 139 41.61 -15.98 43.66
CA ASP B 139 41.62 -17.29 43.03
C ASP B 139 42.90 -17.62 42.30
N PHE B 140 43.79 -16.64 42.13
CA PHE B 140 45.05 -16.90 41.43
C PHE B 140 46.25 -17.04 42.39
N THR B 141 46.58 -18.27 42.74
CA THR B 141 47.81 -18.57 43.47
C THR B 141 49.03 -18.41 42.55
N ALA B 142 50.23 -18.64 43.07
CA ALA B 142 51.41 -18.53 42.21
C ALA B 142 51.47 -19.76 41.31
N ASP B 143 50.63 -20.75 41.63
CA ASP B 143 50.43 -21.91 40.78
C ASP B 143 49.96 -21.50 39.38
N ALA B 144 49.19 -20.41 39.30
CA ALA B 144 48.66 -19.90 38.04
C ALA B 144 49.69 -19.38 37.05
N LYS B 145 50.90 -19.07 37.49
CA LYS B 145 51.92 -18.49 36.61
C LYS B 145 52.36 -19.48 35.53
N GLY B 146 52.40 -19.01 34.28
CA GLY B 146 52.75 -19.84 33.14
C GLY B 146 51.64 -20.79 32.69
N LYS B 147 50.50 -20.74 33.37
CA LYS B 147 49.35 -21.59 33.03
C LYS B 147 48.28 -20.82 32.23
N ILE B 148 47.31 -21.54 31.70
CA ILE B 148 46.18 -20.93 31.00
C ILE B 148 45.01 -20.84 31.96
N ALA B 149 44.62 -19.61 32.30
CA ALA B 149 43.54 -19.39 33.24
C ALA B 149 42.21 -19.89 32.70
N LEU B 150 41.46 -20.59 33.53
CA LEU B 150 40.15 -21.08 33.13
C LEU B 150 39.15 -20.47 34.08
N ILE B 151 38.27 -19.62 33.55
CA ILE B 151 37.43 -18.76 34.38
C ILE B 151 35.96 -18.82 33.97
N SER B 152 35.08 -18.99 34.94
CA SER B 152 33.66 -18.96 34.67
C SER B 152 33.16 -17.53 34.51
N ARG B 153 32.07 -17.39 33.75
CA ARG B 153 31.37 -16.13 33.63
C ARG B 153 30.55 -15.91 34.90
N GLY B 154 30.35 -14.62 35.24
CA GLY B 154 29.63 -14.20 36.42
C GLY B 154 30.33 -13.12 37.25
N ASP B 155 29.51 -12.19 37.78
CA ASP B 155 29.89 -11.15 38.75
C ASP B 155 30.90 -10.09 38.28
N LEU B 156 32.15 -10.50 38.05
CA LEU B 156 33.15 -9.58 37.53
C LEU B 156 32.85 -9.26 36.07
N THR B 157 33.60 -8.32 35.51
CA THR B 157 33.49 -8.05 34.09
C THR B 157 34.48 -8.97 33.41
N TYR B 158 34.53 -8.96 32.09
CA TYR B 158 35.50 -9.80 31.39
C TYR B 158 36.91 -9.21 31.48
N TYR B 159 37.02 -7.88 31.46
CA TYR B 159 38.34 -7.27 31.59
C TYR B 159 38.95 -7.60 32.93
N GLU B 160 38.18 -7.41 33.98
CA GLU B 160 38.62 -7.69 35.34
C GLU B 160 39.14 -9.12 35.53
N LYS B 161 38.48 -10.09 34.92
CA LYS B 161 38.92 -11.47 34.99
C LYS B 161 40.25 -11.63 34.24
N ALA B 162 40.33 -11.09 33.04
CA ALA B 162 41.57 -11.14 32.27
C ALA B 162 42.67 -10.30 32.91
N LYS B 163 42.26 -9.23 33.59
CA LYS B 163 43.20 -8.35 34.29
C LYS B 163 43.96 -9.16 35.32
N ASN B 164 43.22 -9.73 36.28
CA ASN B 164 43.75 -10.60 37.30
C ASN B 164 44.63 -11.76 36.79
N ALA B 165 44.09 -12.54 35.87
CA ALA B 165 44.82 -13.64 35.26
C ALA B 165 46.16 -13.22 34.66
N GLU B 166 46.17 -12.19 33.83
CA GLU B 166 47.41 -11.73 33.23
C GLU B 166 48.39 -11.25 34.31
N ALA B 167 47.85 -10.65 35.36
CA ALA B 167 48.66 -10.18 36.48
C ALA B 167 49.29 -11.36 37.21
N ALA B 168 48.59 -12.50 37.20
CA ALA B 168 49.10 -13.70 37.83
C ALA B 168 50.03 -14.50 36.91
N GLY B 169 50.56 -13.82 35.88
CA GLY B 169 51.50 -14.45 34.94
C GLY B 169 50.88 -15.51 34.06
N ALA B 170 49.54 -15.50 33.94
CA ALA B 170 48.84 -16.46 33.10
C ALA B 170 49.32 -16.33 31.66
N LYS B 171 49.24 -17.45 30.96
CA LYS B 171 49.73 -17.57 29.61
C LYS B 171 48.66 -17.04 28.64
N ALA B 172 47.41 -17.31 28.98
CA ALA B 172 46.26 -16.90 28.19
C ALA B 172 45.00 -17.15 29.00
N VAL B 173 43.86 -16.66 28.51
CA VAL B 173 42.62 -16.70 29.28
C VAL B 173 41.49 -17.39 28.53
N ILE B 174 40.71 -18.20 29.23
CA ILE B 174 39.60 -18.91 28.62
C ILE B 174 38.42 -18.76 29.53
N ILE B 175 37.38 -18.05 29.06
CA ILE B 175 36.21 -17.78 29.89
C ILE B 175 35.03 -18.55 29.35
N TYR B 176 34.25 -19.19 30.21
CA TYR B 176 33.13 -19.95 29.68
C TYR B 176 31.83 -19.47 30.27
N ASN B 177 30.78 -19.58 29.45
CA ASN B 177 29.47 -19.09 29.82
C ASN B 177 28.95 -19.77 31.07
N ASN B 178 28.13 -19.06 31.83
CA ASN B 178 27.53 -19.65 33.01
C ASN B 178 26.06 -19.87 32.76
N LYS B 179 25.59 -19.41 31.60
CA LYS B 179 24.26 -19.79 31.18
C LYS B 179 24.35 -20.68 29.93
N GLU B 180 23.31 -21.47 29.70
CA GLU B 180 23.40 -22.40 28.59
C GLU B 180 23.13 -21.64 27.28
N SER B 181 23.67 -22.18 26.19
CA SER B 181 23.61 -21.53 24.91
C SER B 181 24.18 -22.43 23.85
N LEU B 182 23.53 -22.45 22.69
CA LEU B 182 24.00 -23.23 21.56
C LEU B 182 25.26 -22.65 20.95
N VAL B 183 25.70 -21.54 21.49
CA VAL B 183 26.71 -20.75 20.84
C VAL B 183 27.68 -20.19 21.88
N PRO B 184 28.97 -20.16 21.58
CA PRO B 184 29.99 -19.63 22.50
C PRO B 184 29.78 -18.14 22.71
N MET B 185 29.93 -17.71 23.96
CA MET B 185 29.86 -16.31 24.33
C MET B 185 31.02 -15.50 23.75
N THR B 186 30.84 -14.22 23.50
CA THR B 186 32.01 -13.40 23.16
C THR B 186 32.37 -12.47 24.31
N PRO B 187 33.59 -12.62 24.84
CA PRO B 187 33.95 -11.76 25.97
C PRO B 187 34.30 -10.38 25.46
N ASN B 188 33.72 -9.36 26.07
CA ASN B 188 33.96 -7.99 25.68
C ASN B 188 34.95 -7.39 26.67
N LEU B 189 36.10 -6.97 26.19
CA LEU B 189 37.12 -6.40 27.08
C LEU B 189 36.93 -4.90 27.27
N SER B 190 35.71 -4.44 27.02
CA SER B 190 35.32 -3.04 27.22
C SER B 190 36.42 -2.02 26.92
N GLY B 191 37.07 -2.23 25.78
CA GLY B 191 38.01 -1.27 25.24
C GLY B 191 39.41 -1.40 25.78
N ASN B 192 39.62 -2.31 26.72
CA ASN B 192 40.94 -2.49 27.27
C ASN B 192 41.78 -3.52 26.52
N LYS B 193 42.96 -3.12 26.04
CA LYS B 193 43.94 -4.07 25.49
C LYS B 193 44.46 -5.03 26.56
N VAL B 194 44.41 -6.34 26.28
CA VAL B 194 45.02 -7.35 27.15
C VAL B 194 46.19 -8.02 26.40
N GLY B 195 47.30 -8.25 27.11
CA GLY B 195 48.52 -8.74 26.50
C GLY B 195 48.58 -10.24 26.22
N ILE B 196 47.57 -10.97 26.68
CA ILE B 196 47.50 -12.41 26.44
C ILE B 196 46.21 -12.81 25.72
N PRO B 197 46.19 -13.98 25.06
CA PRO B 197 44.94 -14.37 24.41
C PRO B 197 43.80 -14.52 25.39
N VAL B 198 42.65 -13.97 25.02
CA VAL B 198 41.43 -14.11 25.78
C VAL B 198 40.33 -14.63 24.83
N VAL B 199 39.67 -15.71 25.23
CA VAL B 199 38.65 -16.36 24.41
C VAL B 199 37.53 -16.84 25.29
N GLY B 200 36.32 -16.89 24.73
CA GLY B 200 35.16 -17.42 25.42
C GLY B 200 34.63 -18.67 24.73
N ILE B 201 34.10 -19.59 25.52
CA ILE B 201 33.58 -20.85 25.03
C ILE B 201 32.27 -21.16 25.74
N LYS B 202 31.51 -22.13 25.23
CA LYS B 202 30.23 -22.51 25.83
C LYS B 202 30.41 -23.07 27.24
N LYS B 203 29.31 -23.15 27.99
CA LYS B 203 29.37 -23.61 29.37
C LYS B 203 29.92 -25.02 29.54
N GLU B 204 29.26 -25.99 28.92
CA GLU B 204 29.61 -27.41 29.09
C GLU B 204 31.07 -27.70 28.70
N ASP B 205 31.58 -26.92 27.75
CA ASP B 205 32.96 -27.04 27.33
C ASP B 205 33.93 -26.56 28.40
N GLY B 206 33.50 -25.57 29.18
CA GLY B 206 34.34 -25.05 30.24
C GLY B 206 34.35 -26.06 31.37
N GLU B 207 33.16 -26.58 31.68
CA GLU B 207 33.01 -27.61 32.71
C GLU B 207 33.86 -28.84 32.42
N ALA B 208 33.91 -29.23 31.14
CA ALA B 208 34.73 -30.34 30.71
C ALA B 208 36.19 -30.00 30.88
N LEU B 209 36.52 -28.73 30.74
CA LEU B 209 37.92 -28.28 30.74
C LEU B 209 38.49 -28.24 32.15
N THR B 210 37.62 -28.24 33.14
CA THR B 210 38.03 -28.09 34.54
C THR B 210 38.68 -29.38 35.03
N GLN B 211 38.41 -30.47 34.32
CA GLN B 211 38.97 -31.77 34.67
C GLN B 211 40.21 -32.14 33.85
N GLN B 212 40.64 -31.27 32.94
CA GLN B 212 41.86 -31.55 32.16
C GLN B 212 43.09 -30.86 32.74
N LYS B 213 44.23 -31.13 32.12
CA LYS B 213 45.51 -30.69 32.65
C LYS B 213 46.17 -29.67 31.75
N GLU B 214 45.89 -29.74 30.46
CA GLU B 214 46.66 -29.03 29.47
C GLU B 214 45.75 -28.60 28.30
N ALA B 215 46.10 -27.53 27.60
CA ALA B 215 45.25 -27.07 26.51
C ALA B 215 46.05 -26.45 25.40
N THR B 216 45.51 -26.53 24.21
CA THR B 216 46.18 -25.98 23.04
C THR B 216 45.26 -24.99 22.34
N LEU B 217 45.87 -23.89 21.91
CA LEU B 217 45.14 -22.70 21.59
C LEU B 217 45.87 -21.98 20.49
N LYS B 218 45.24 -21.83 19.34
CA LYS B 218 45.87 -21.05 18.29
C LYS B 218 44.97 -19.88 17.95
N LEU B 219 45.57 -18.70 17.82
CA LEU B 219 44.81 -17.54 17.38
C LEU B 219 45.59 -16.74 16.36
N LYS B 220 44.98 -16.43 15.23
CA LYS B 220 45.60 -15.52 14.26
C LYS B 220 44.87 -14.17 14.28
N ALA B 221 45.64 -13.10 14.14
CA ALA B 221 45.11 -11.74 14.12
C ALA B 221 45.03 -11.25 12.67
N PHE B 222 43.86 -10.78 12.27
CA PHE B 222 43.68 -10.25 10.92
C PHE B 222 43.63 -8.73 10.94
N THR B 223 44.56 -8.13 10.20
CA THR B 223 44.75 -6.69 10.13
C THR B 223 43.88 -6.08 9.05
N ASN B 224 43.89 -4.76 9.00
CA ASN B 224 43.13 -4.00 7.98
C ASN B 224 41.62 -4.30 8.01
N GLN B 225 41.09 -4.52 9.22
CA GLN B 225 39.66 -4.66 9.35
C GLN B 225 39.01 -3.30 9.19
N THR B 226 37.90 -3.25 8.47
CA THR B 226 37.16 -2.01 8.29
C THR B 226 35.66 -2.19 8.47
N SER B 227 35.00 -1.11 8.85
CA SER B 227 33.57 -1.03 8.81
C SER B 227 33.18 0.25 8.05
N GLN B 228 31.89 0.56 7.99
CA GLN B 228 31.48 1.79 7.32
C GLN B 228 30.15 2.30 7.86
N ASN B 229 29.92 3.60 7.67
CA ASN B 229 28.65 4.23 7.97
C ASN B 229 27.98 4.65 6.65
N ILE B 230 26.66 4.69 6.64
CA ILE B 230 25.97 5.16 5.44
C ILE B 230 25.22 6.41 5.81
N ILE B 231 25.51 7.49 5.11
CA ILE B 231 24.91 8.77 5.41
C ILE B 231 24.02 9.20 4.25
N GLY B 232 22.76 9.46 4.56
CA GLY B 232 21.84 9.95 3.54
C GLY B 232 21.33 11.28 4.02
N ILE B 233 21.69 12.34 3.30
CA ILE B 233 21.34 13.69 3.70
C ILE B 233 20.13 14.23 2.96
N LYS B 234 19.29 14.96 3.68
CA LYS B 234 18.17 15.70 3.09
C LYS B 234 18.39 17.20 3.32
N LYS B 235 18.84 17.91 2.30
CA LYS B 235 19.26 19.30 2.49
C LYS B 235 18.17 20.32 2.13
N PRO B 236 18.11 21.42 2.90
CA PRO B 236 17.20 22.51 2.58
C PRO B 236 17.59 23.29 1.33
N LYS B 237 16.64 24.09 0.87
CA LYS B 237 16.57 24.60 -0.49
C LYS B 237 17.53 25.75 -0.71
N ASN B 238 17.41 26.75 0.14
CA ASN B 238 18.24 27.94 0.04
C ASN B 238 18.56 28.48 1.42
N ILE B 239 19.18 27.64 2.24
CA ILE B 239 19.56 28.09 3.55
C ILE B 239 21.07 28.15 3.66
N LYS B 240 21.56 29.29 4.13
CA LYS B 240 22.97 29.47 4.41
C LYS B 240 23.31 28.77 5.73
N HIS B 241 24.13 27.72 5.66
CA HIS B 241 24.64 27.05 6.85
C HIS B 241 23.53 26.54 7.77
N PRO B 242 22.73 25.59 7.23
CA PRO B 242 21.56 25.05 7.93
C PRO B 242 21.91 24.21 9.15
N ASP B 243 21.12 24.36 10.22
CA ASP B 243 21.29 23.52 11.41
C ASP B 243 21.14 22.04 11.08
N ILE B 244 21.84 21.18 11.82
CA ILE B 244 21.83 19.76 11.47
C ILE B 244 21.10 18.92 12.50
N VAL B 245 20.14 18.14 12.02
CA VAL B 245 19.40 17.16 12.81
C VAL B 245 19.79 15.78 12.35
N TYR B 246 20.27 14.97 13.30
CA TYR B 246 20.73 13.60 13.05
C TYR B 246 19.71 12.55 13.49
N VAL B 247 19.30 11.69 12.56
CA VAL B 247 18.46 10.56 12.92
C VAL B 247 19.28 9.30 12.66
N THR B 248 19.51 8.51 13.70
CA THR B 248 20.54 7.48 13.58
C THR B 248 20.17 6.12 14.14
N ALA B 249 20.86 5.08 13.67
CA ALA B 249 20.66 3.72 14.12
C ALA B 249 21.87 2.85 13.71
N HIS B 250 22.23 1.85 14.48
CA HIS B 250 23.31 0.98 14.01
C HIS B 250 22.78 -0.25 13.30
N TYR B 251 23.48 -0.68 12.24
CA TYR B 251 22.97 -1.80 11.44
C TYR B 251 23.82 -3.08 11.60
N ASP B 252 24.81 -3.06 12.51
CA ASP B 252 25.51 -4.30 12.80
C ASP B 252 24.84 -5.04 13.95
N SER B 253 25.29 -6.27 14.19
CA SER B 253 24.79 -7.09 15.28
C SER B 253 25.89 -8.00 15.82
N VAL B 254 25.68 -8.56 17.02
CA VAL B 254 26.66 -9.41 17.70
C VAL B 254 26.74 -10.74 16.98
N PRO B 255 27.88 -11.44 17.12
CA PRO B 255 27.98 -12.77 16.53
C PRO B 255 26.79 -13.66 16.88
N PHE B 256 26.34 -14.38 15.83
CA PHE B 256 25.30 -15.40 15.87
C PHE B 256 23.92 -14.80 15.98
N SER B 257 23.83 -13.48 16.20
CA SER B 257 22.52 -12.86 16.29
C SER B 257 22.05 -12.38 14.92
N PRO B 258 20.85 -12.79 14.52
CA PRO B 258 20.19 -12.24 13.33
C PRO B 258 19.94 -10.73 13.48
N GLY B 259 19.92 -10.25 14.72
CA GLY B 259 19.79 -8.82 14.98
C GLY B 259 18.53 -8.19 14.40
N ALA B 260 17.38 -8.81 14.65
CA ALA B 260 16.11 -8.23 14.20
C ALA B 260 15.80 -7.01 15.05
N ASN B 261 15.70 -7.20 16.36
CA ASN B 261 15.43 -6.05 17.20
C ASN B 261 16.68 -5.19 17.40
N ASP B 262 17.82 -5.84 17.48
CA ASP B 262 19.08 -5.16 17.77
C ASP B 262 20.11 -5.36 16.67
N ASN B 263 20.08 -4.49 15.67
CA ASN B 263 19.18 -3.34 15.68
C ASN B 263 18.56 -3.15 14.30
N GLY B 264 18.06 -4.24 13.75
CA GLY B 264 17.26 -4.18 12.54
C GLY B 264 16.06 -3.24 12.72
N SER B 265 15.37 -3.35 13.85
CA SER B 265 14.27 -2.46 14.19
C SER B 265 14.68 -0.99 14.03
N GLY B 266 15.72 -0.59 14.74
CA GLY B 266 16.11 0.81 14.73
C GLY B 266 16.43 1.31 13.34
N THR B 267 17.26 0.54 12.61
CA THR B 267 17.62 0.87 11.23
C THR B 267 16.38 1.01 10.35
N SER B 268 15.41 0.16 10.62
CA SER B 268 14.29 0.07 9.73
C SER B 268 13.35 1.22 10.02
N VAL B 269 13.31 1.65 11.28
CA VAL B 269 12.40 2.72 11.63
C VAL B 269 13.01 4.02 11.13
N MET B 270 14.33 4.13 11.23
CA MET B 270 15.00 5.26 10.64
C MET B 270 14.72 5.37 9.12
N LEU B 271 14.82 4.26 8.40
CA LEU B 271 14.59 4.32 6.95
C LEU B 271 13.15 4.78 6.67
N GLU B 272 12.19 4.21 7.41
CA GLU B 272 10.79 4.51 7.16
C GLU B 272 10.45 5.90 7.62
N MET B 273 11.18 6.42 8.59
CA MET B 273 10.96 7.80 8.99
C MET B 273 11.38 8.73 7.88
N ALA B 274 12.48 8.41 7.20
CA ALA B 274 12.97 9.30 6.13
C ALA B 274 11.96 9.36 5.00
N ARG B 275 11.34 8.22 4.69
CA ARG B 275 10.31 8.16 3.66
C ARG B 275 9.17 9.13 3.98
N VAL B 276 8.72 9.11 5.23
CA VAL B 276 7.66 10.01 5.71
C VAL B 276 8.05 11.48 5.58
N LEU B 277 9.31 11.78 5.84
CA LEU B 277 9.82 13.13 5.91
C LEU B 277 10.37 13.63 4.55
N LYS B 278 10.39 12.73 3.57
CA LYS B 278 10.87 13.03 2.21
C LYS B 278 10.40 14.38 1.67
N SER B 279 9.08 14.59 1.63
CA SER B 279 8.54 15.81 1.04
C SER B 279 8.22 16.89 2.08
N VAL B 280 8.26 16.55 3.37
CA VAL B 280 8.00 17.54 4.41
C VAL B 280 9.04 18.66 4.32
N PRO B 281 8.59 19.91 4.08
CA PRO B 281 9.56 21.00 3.95
C PRO B 281 10.21 21.35 5.27
N SER B 282 11.51 21.53 5.22
CA SER B 282 12.29 21.81 6.42
C SER B 282 13.42 22.78 6.11
N ASP B 283 13.70 23.68 7.04
CA ASP B 283 14.91 24.49 6.93
C ASP B 283 16.17 23.80 7.50
N LYS B 284 16.02 22.67 8.20
CA LYS B 284 17.15 21.95 8.80
C LYS B 284 17.78 21.02 7.76
N GLU B 285 19.09 20.82 7.86
CA GLU B 285 19.70 19.70 7.16
C GLU B 285 19.39 18.46 7.97
N ILE B 286 18.78 17.44 7.36
CA ILE B 286 18.54 16.23 8.15
C ILE B 286 19.39 15.10 7.67
N ARG B 287 20.23 14.58 8.55
CA ARG B 287 21.15 13.49 8.21
C ARG B 287 20.67 12.15 8.75
N PHE B 288 20.36 11.23 7.86
CA PHE B 288 19.93 9.89 8.25
C PHE B 288 21.13 8.97 8.16
N ILE B 289 21.56 8.43 9.30
CA ILE B 289 22.78 7.64 9.33
C ILE B 289 22.58 6.26 9.89
N ALA B 290 23.01 5.28 9.11
CA ALA B 290 23.17 3.93 9.57
C ALA B 290 24.63 3.75 10.02
N PHE B 291 24.84 3.58 11.32
CA PHE B 291 26.18 3.40 11.90
C PHE B 291 26.62 1.96 11.88
N GLY B 292 27.87 1.74 11.47
CA GLY B 292 28.47 0.42 11.51
C GLY B 292 29.24 0.23 12.79
N ALA B 293 29.47 -1.03 13.14
CA ALA B 293 30.32 -1.41 14.24
C ALA B 293 29.95 -0.72 15.56
N GLU B 294 28.67 -0.48 15.79
CA GLU B 294 28.23 0.00 17.09
C GLU B 294 28.55 -1.03 18.15
N GLU B 295 28.47 -2.28 17.73
CA GLU B 295 28.57 -3.40 18.64
C GLU B 295 30.00 -3.61 19.18
N LEU B 296 31.02 -3.03 18.54
CA LEU B 296 32.38 -3.06 19.06
C LEU B 296 32.74 -1.84 19.94
N GLY B 297 31.74 -1.10 20.41
CA GLY B 297 32.04 0.09 21.19
C GLY B 297 31.82 1.41 20.47
N LEU B 298 30.76 1.50 19.67
CA LEU B 298 30.38 2.75 19.01
C LEU B 298 31.45 3.28 18.04
N LEU B 299 32.15 2.37 17.36
CA LEU B 299 33.26 2.79 16.50
C LEU B 299 32.78 3.67 15.34
N GLY B 300 31.65 3.32 14.73
CA GLY B 300 31.12 4.11 13.65
C GLY B 300 30.67 5.51 14.06
N SER B 301 29.84 5.60 15.11
CA SER B 301 29.38 6.90 15.57
C SER B 301 30.56 7.76 16.04
N SER B 302 31.50 7.17 16.78
CA SER B 302 32.64 7.91 17.26
C SER B 302 33.47 8.41 16.12
N HIS B 303 33.68 7.54 15.14
CA HIS B 303 34.42 7.96 13.96
C HIS B 303 33.71 9.12 13.29
N TYR B 304 32.40 8.99 13.11
CA TYR B 304 31.62 10.01 12.43
C TYR B 304 31.68 11.34 13.15
N VAL B 305 31.48 11.32 14.47
CA VAL B 305 31.42 12.57 15.18
C VAL B 305 32.81 13.18 15.24
N ASP B 306 33.84 12.33 15.38
CA ASP B 306 35.24 12.78 15.35
C ASP B 306 35.56 13.54 14.07
N HIS B 307 34.97 13.11 12.97
CA HIS B 307 35.33 13.76 11.72
C HIS B 307 34.34 14.83 11.29
N LEU B 308 33.40 15.17 12.17
CA LEU B 308 32.61 16.37 11.97
C LEU B 308 33.57 17.56 12.04
N SER B 309 33.60 18.37 10.99
CA SER B 309 34.34 19.66 11.05
C SER B 309 33.85 20.61 12.16
N GLU B 310 34.64 21.64 12.46
CA GLU B 310 34.26 22.57 13.52
C GLU B 310 33.01 23.35 13.13
N LYS B 311 32.93 23.73 11.86
CA LYS B 311 31.76 24.42 11.34
C LYS B 311 30.53 23.52 11.43
N GLU B 312 30.70 22.25 11.07
CA GLU B 312 29.60 21.30 11.22
C GLU B 312 29.17 21.09 12.67
N LEU B 313 30.13 20.98 13.58
CA LEU B 313 29.80 20.88 15.00
C LEU B 313 28.97 22.07 15.46
N LYS B 314 29.42 23.29 15.16
CA LYS B 314 28.71 24.50 15.61
C LYS B 314 27.26 24.51 15.09
N ARG B 315 27.09 23.90 13.94
CA ARG B 315 25.85 23.81 13.23
C ARG B 315 24.90 22.69 13.77
N SER B 316 25.42 21.86 14.67
CA SER B 316 24.74 20.61 15.05
C SER B 316 23.73 20.81 16.18
N GLU B 317 22.47 20.50 15.90
CA GLU B 317 21.41 20.80 16.85
C GLU B 317 21.05 19.61 17.74
N VAL B 318 20.75 18.47 17.13
CA VAL B 318 20.21 17.39 17.91
C VAL B 318 20.34 16.04 17.23
N ASN B 319 20.49 15.00 18.06
CA ASN B 319 20.57 13.62 17.59
C ASN B 319 19.42 12.77 18.13
N PHE B 320 18.70 12.10 17.24
CA PHE B 320 17.71 11.08 17.60
C PHE B 320 18.20 9.69 17.25
N ASN B 321 18.50 8.88 18.26
CA ASN B 321 19.06 7.57 17.95
C ASN B 321 18.04 6.51 18.26
N LEU B 322 17.80 5.65 17.29
CA LEU B 322 16.88 4.54 17.45
C LEU B 322 17.64 3.22 17.63
N ASP B 323 17.48 2.60 18.78
CA ASP B 323 18.12 1.31 19.01
C ASP B 323 17.27 0.34 19.83
N MET B 324 16.77 -0.69 19.18
CA MET B 324 15.88 -1.71 19.77
C MET B 324 14.50 -1.15 20.04
N VAL B 325 13.71 -1.00 18.98
CA VAL B 325 12.42 -0.35 19.09
C VAL B 325 11.30 -1.19 18.53
N GLY B 326 11.48 -2.51 18.47
CA GLY B 326 10.44 -3.38 17.95
C GLY B 326 10.15 -4.69 18.65
N THR B 327 10.63 -4.90 19.88
CA THR B 327 10.46 -6.20 20.52
C THR B 327 8.99 -6.53 20.74
N SER B 328 8.68 -7.82 20.66
CA SER B 328 7.33 -8.33 20.90
C SER B 328 7.19 -8.72 22.35
N TRP B 329 8.30 -8.70 23.08
CA TRP B 329 8.29 -9.03 24.50
C TRP B 329 7.17 -8.31 25.25
N GLU B 330 6.24 -9.09 25.77
CA GLU B 330 5.03 -8.58 26.40
C GLU B 330 5.30 -7.51 27.45
N LYS B 331 6.22 -7.78 28.35
CA LYS B 331 6.50 -6.86 29.44
C LYS B 331 7.05 -5.49 29.03
N ALA B 332 7.73 -5.38 27.89
CA ALA B 332 8.40 -4.11 27.52
C ALA B 332 7.44 -3.10 26.88
N SER B 333 6.57 -2.53 27.69
CA SER B 333 5.51 -1.66 27.19
C SER B 333 5.85 -0.18 27.34
N GLU B 334 6.99 0.12 27.94
CA GLU B 334 7.39 1.51 28.17
C GLU B 334 8.50 1.90 27.18
N LEU B 335 8.35 3.04 26.50
CA LEU B 335 9.32 3.52 25.54
C LEU B 335 10.23 4.50 26.22
N TYR B 336 11.49 4.14 26.44
CA TYR B 336 12.38 5.04 27.15
C TYR B 336 13.15 5.98 26.22
N VAL B 337 13.31 7.20 26.69
CA VAL B 337 14.23 8.15 26.08
C VAL B 337 15.49 8.22 26.95
N ASN B 338 16.58 7.56 26.52
CA ASN B 338 17.79 7.48 27.35
C ASN B 338 18.72 8.62 27.05
N THR B 339 19.10 9.38 28.07
CA THR B 339 20.11 10.40 27.91
C THR B 339 21.30 10.06 28.80
N LEU B 340 22.49 10.43 28.36
CA LEU B 340 23.70 9.99 29.03
C LEU B 340 23.73 10.38 30.51
N ASP B 341 23.12 11.52 30.87
CA ASP B 341 23.12 11.96 32.26
C ASP B 341 21.78 11.83 32.95
N GLY B 342 20.79 11.28 32.25
CA GLY B 342 19.46 11.16 32.81
C GLY B 342 18.71 12.47 32.79
N GLN B 343 19.35 13.52 32.30
CA GLN B 343 18.78 14.87 32.27
C GLN B 343 18.03 15.16 30.99
N SER B 344 17.11 16.11 31.06
CA SER B 344 16.34 16.51 29.90
C SER B 344 17.23 17.25 28.93
N ASN B 345 16.87 17.19 27.65
CA ASN B 345 17.48 18.01 26.61
C ASN B 345 16.53 18.17 25.45
N TYR B 346 16.99 18.73 24.35
CA TYR B 346 16.07 19.03 23.27
C TYR B 346 15.36 17.78 22.73
N VAL B 347 15.92 16.58 22.93
CA VAL B 347 15.23 15.35 22.50
C VAL B 347 14.05 15.07 23.41
N TRP B 348 14.25 15.29 24.69
CA TRP B 348 13.20 15.01 25.64
C TRP B 348 12.04 15.94 25.38
N GLU B 349 12.37 17.22 25.27
CA GLU B 349 11.38 18.26 25.08
C GLU B 349 10.56 18.01 23.82
N SER B 350 11.24 17.70 22.72
CA SER B 350 10.55 17.38 21.48
C SER B 350 9.70 16.12 21.65
N SER B 351 10.24 15.11 22.33
CA SER B 351 9.53 13.85 22.49
C SER B 351 8.36 13.98 23.45
N ARG B 352 8.53 14.78 24.50
CA ARG B 352 7.43 15.03 25.43
C ARG B 352 6.25 15.67 24.70
N THR B 353 6.54 16.74 23.96
CA THR B 353 5.55 17.42 23.11
C THR B 353 4.85 16.46 22.16
N ALA B 354 5.61 15.67 21.40
CA ALA B 354 4.99 14.75 20.43
C ALA B 354 4.08 13.76 21.15
N ALA B 355 4.53 13.27 22.30
CA ALA B 355 3.74 12.37 23.13
C ALA B 355 2.42 12.99 23.53
N GLU B 356 2.47 14.27 23.92
CA GLU B 356 1.28 15.02 24.28
C GLU B 356 0.34 15.17 23.08
N LYS B 357 0.90 15.53 21.93
CA LYS B 357 0.11 15.71 20.71
C LYS B 357 -0.52 14.41 20.17
N ILE B 358 0.14 13.26 20.36
CA ILE B 358 -0.36 12.04 19.72
C ILE B 358 -1.04 11.05 20.68
N GLY B 359 -1.20 11.45 21.94
CA GLY B 359 -1.93 10.64 22.90
C GLY B 359 -1.18 9.45 23.48
N PHE B 360 0.16 9.51 23.45
CA PHE B 360 0.99 8.43 23.95
C PHE B 360 1.38 8.64 25.40
N ASP B 361 0.91 7.76 26.28
CA ASP B 361 1.13 7.92 27.73
C ASP B 361 2.21 6.99 28.33
N SER B 362 2.96 6.27 27.51
CA SER B 362 4.01 5.39 28.05
C SER B 362 5.45 5.79 27.66
N LEU B 363 5.70 7.10 27.62
CA LEU B 363 7.02 7.64 27.33
C LEU B 363 7.72 8.09 28.62
N SER B 364 8.88 7.52 28.92
CA SER B 364 9.65 7.85 30.10
C SER B 364 11.06 8.33 29.79
N LEU B 365 11.51 9.30 30.56
CA LEU B 365 12.88 9.74 30.51
C LEU B 365 13.69 8.91 31.50
N THR B 366 14.92 8.57 31.13
CA THR B 366 15.84 7.90 32.05
C THR B 366 17.29 8.00 31.56
N GLN B 367 18.21 7.51 32.38
CA GLN B 367 19.64 7.55 32.05
C GLN B 367 20.04 6.31 31.29
N GLY B 368 20.84 6.51 30.24
CA GLY B 368 21.34 5.39 29.46
C GLY B 368 22.36 5.73 28.38
N GLY B 369 23.44 4.97 28.35
CA GLY B 369 24.47 5.09 27.33
C GLY B 369 24.50 3.87 26.43
N SER B 370 25.68 3.53 25.92
CA SER B 370 25.93 2.32 25.17
C SER B 370 25.11 2.17 23.87
N SER B 371 24.89 3.29 23.19
CA SER B 371 24.40 3.24 21.82
C SER B 371 24.98 4.45 21.13
N ASP B 372 24.53 4.75 19.93
CA ASP B 372 25.22 5.73 19.14
C ASP B 372 24.89 7.19 19.45
N HIS B 373 24.02 7.43 20.42
CA HIS B 373 23.78 8.80 20.87
C HIS B 373 24.94 9.35 21.71
N VAL B 374 25.70 8.45 22.33
CA VAL B 374 26.75 8.85 23.26
C VAL B 374 27.86 9.73 22.64
N PRO B 375 28.41 9.38 21.46
CA PRO B 375 29.41 10.30 20.87
C PRO B 375 28.86 11.71 20.56
N PHE B 376 27.60 11.80 20.15
CA PHE B 376 26.98 13.11 19.97
C PHE B 376 26.95 13.90 21.28
N HIS B 377 26.50 13.24 22.34
CA HIS B 377 26.55 13.85 23.67
C HIS B 377 27.94 14.32 24.09
N GLU B 378 28.96 13.50 23.83
CA GLU B 378 30.33 13.87 24.19
C GLU B 378 30.76 15.15 23.48
N ALA B 379 30.28 15.35 22.25
CA ALA B 379 30.59 16.52 21.45
C ALA B 379 29.70 17.72 21.77
N GLY B 380 28.85 17.57 22.79
CA GLY B 380 27.95 18.64 23.18
C GLY B 380 26.64 18.74 22.39
N ILE B 381 26.34 17.73 21.57
CA ILE B 381 25.11 17.74 20.80
C ILE B 381 24.01 17.05 21.60
N ASP B 382 22.87 17.73 21.77
CA ASP B 382 21.73 17.11 22.43
C ASP B 382 21.39 15.78 21.75
N SER B 383 21.31 14.71 22.51
CA SER B 383 21.06 13.41 21.93
C SER B 383 20.36 12.48 22.90
N ALA B 384 19.77 11.43 22.35
CA ALA B 384 19.12 10.43 23.19
C ALA B 384 18.85 9.18 22.38
N ASN B 385 18.65 8.08 23.08
CA ASN B 385 18.38 6.81 22.43
C ASN B 385 17.00 6.32 22.80
N PHE B 386 16.26 5.81 21.81
CA PHE B 386 14.92 5.31 22.02
C PHE B 386 14.88 3.79 22.08
N ILE B 387 14.20 3.21 23.06
CA ILE B 387 14.19 1.76 23.23
C ILE B 387 13.02 1.32 24.15
N TRP B 388 12.34 0.25 23.77
CA TRP B 388 11.32 -0.37 24.63
C TRP B 388 11.97 -1.03 25.86
N GLY B 389 11.28 -0.94 27.00
CA GLY B 389 11.74 -1.57 28.22
C GLY B 389 10.60 -1.97 29.13
N ASP B 390 10.84 -2.98 29.96
CA ASP B 390 9.95 -3.37 31.04
C ASP B 390 9.91 -2.28 32.12
N PRO B 391 8.72 -1.69 32.36
CA PRO B 391 8.61 -0.64 33.39
C PRO B 391 9.05 -1.08 34.80
N GLU B 392 8.95 -2.36 35.11
CA GLU B 392 9.23 -2.82 36.47
C GLU B 392 10.72 -3.04 36.74
N THR B 393 11.53 -3.08 35.67
CA THR B 393 12.96 -3.35 35.81
C THR B 393 13.80 -2.55 34.80
N GLU B 394 13.13 -1.94 33.81
CA GLU B 394 13.76 -1.10 32.78
C GLU B 394 14.60 -1.96 31.79
N GLU B 395 14.54 -3.29 31.96
CA GLU B 395 15.41 -4.19 31.24
C GLU B 395 14.77 -4.61 29.91
N VAL B 396 15.56 -5.26 29.06
CA VAL B 396 15.10 -5.60 27.72
C VAL B 396 14.79 -7.08 27.62
N GLU B 397 14.19 -7.47 26.49
CA GLU B 397 13.81 -8.85 26.23
C GLU B 397 14.93 -9.85 26.50
N PRO B 398 14.56 -11.10 26.79
CA PRO B 398 15.57 -12.14 27.03
C PRO B 398 16.31 -12.56 25.76
N TRP B 399 15.73 -12.31 24.58
CA TRP B 399 16.38 -12.73 23.33
C TRP B 399 17.56 -11.85 22.86
N TYR B 400 17.68 -10.67 23.48
CA TYR B 400 18.80 -9.74 23.27
C TYR B 400 20.18 -10.42 23.16
N HIS B 401 20.89 -10.13 22.08
CA HIS B 401 22.21 -10.72 21.79
C HIS B 401 22.27 -12.24 21.76
N THR B 402 21.15 -12.90 21.46
CA THR B 402 21.12 -14.35 21.25
C THR B 402 20.75 -14.64 19.79
N PRO B 403 20.91 -15.89 19.33
CA PRO B 403 20.36 -16.19 18.00
C PRO B 403 18.82 -16.09 17.93
N GLU B 404 18.14 -15.91 19.06
CA GLU B 404 16.69 -15.78 19.03
C GLU B 404 16.24 -14.35 18.76
N ASP B 405 17.17 -13.40 18.71
CA ASP B 405 16.83 -12.04 18.30
C ASP B 405 16.43 -12.07 16.83
N SER B 406 15.27 -12.66 16.56
CA SER B 406 14.83 -12.95 15.22
C SER B 406 13.53 -12.23 14.91
N ILE B 407 13.10 -12.32 13.65
CA ILE B 407 11.94 -11.55 13.22
C ILE B 407 10.65 -12.05 13.89
N GLU B 408 10.63 -13.29 14.36
CA GLU B 408 9.44 -13.78 15.04
C GLU B 408 9.19 -13.06 16.38
N HIS B 409 10.22 -12.47 16.96
CA HIS B 409 10.06 -11.68 18.17
C HIS B 409 10.07 -10.20 17.86
N ILE B 410 9.62 -9.85 16.67
CA ILE B 410 9.36 -8.47 16.38
C ILE B 410 7.85 -8.22 16.39
N SER B 411 7.42 -7.13 17.02
CA SER B 411 6.02 -6.73 17.00
C SER B 411 5.78 -5.52 16.09
N LYS B 412 4.96 -5.73 15.06
CA LYS B 412 4.54 -4.65 14.18
C LYS B 412 3.89 -3.49 14.94
N GLU B 413 2.99 -3.79 15.87
CA GLU B 413 2.32 -2.71 16.59
C GLU B 413 3.33 -1.86 17.39
N ARG B 414 4.36 -2.52 17.93
CA ARG B 414 5.43 -1.86 18.67
C ARG B 414 6.30 -0.95 17.76
N LEU B 415 6.72 -1.46 16.61
CA LEU B 415 7.33 -0.62 15.59
C LEU B 415 6.45 0.60 15.25
N GLN B 416 5.15 0.35 15.07
CA GLN B 416 4.20 1.41 14.73
C GLN B 416 4.17 2.49 15.81
N GLN B 417 4.03 2.08 17.07
CA GLN B 417 3.95 3.01 18.20
C GLN B 417 5.26 3.81 18.33
N ALA B 418 6.38 3.13 18.21
CA ALA B 418 7.66 3.80 18.29
C ALA B 418 7.88 4.75 17.10
N GLY B 419 7.62 4.24 15.89
CA GLY B 419 7.73 5.04 14.68
C GLY B 419 6.93 6.33 14.79
N ASP B 420 5.68 6.21 15.25
CA ASP B 420 4.82 7.38 15.35
C ASP B 420 5.36 8.36 16.39
N LEU B 421 5.89 7.83 17.48
CA LEU B 421 6.37 8.71 18.54
C LEU B 421 7.61 9.45 18.07
N VAL B 422 8.57 8.71 17.52
CA VAL B 422 9.86 9.30 17.16
C VAL B 422 9.72 10.21 15.93
N THR B 423 8.93 9.77 14.95
CA THR B 423 8.65 10.57 13.78
C THR B 423 8.04 11.90 14.16
N ALA B 424 7.07 11.88 15.07
CA ALA B 424 6.44 13.12 15.50
C ALA B 424 7.42 13.97 16.29
N ALA B 425 8.32 13.33 17.03
CA ALA B 425 9.34 14.04 17.79
C ALA B 425 10.32 14.78 16.87
N VAL B 426 10.80 14.08 15.87
CA VAL B 426 11.72 14.67 14.91
C VAL B 426 11.01 15.80 14.15
N TYR B 427 9.72 15.61 13.82
CA TYR B 427 8.99 16.63 13.07
C TYR B 427 8.96 17.92 13.85
N GLU B 428 8.87 17.80 15.18
CA GLU B 428 8.78 18.93 16.09
C GLU B 428 10.11 19.69 16.03
N ALA B 429 11.14 19.01 15.55
CA ALA B 429 12.46 19.57 15.53
C ALA B 429 12.84 20.11 14.13
N VAL B 430 12.21 19.58 13.08
CA VAL B 430 12.58 19.95 11.72
C VAL B 430 11.56 20.83 10.95
N LYS B 431 10.39 21.09 11.54
CA LYS B 431 9.32 21.86 10.91
C LYS B 431 9.64 23.35 10.95
N LYS B 432 9.10 24.11 9.99
CA LYS B 432 9.46 25.53 9.86
C LYS B 432 8.76 26.46 10.88
N LYS B 444 33.47 13.25 27.86
CA LYS B 444 34.22 11.99 27.91
C LYS B 444 33.52 10.95 28.79
N ALA B 445 32.92 9.94 28.17
CA ALA B 445 32.03 8.99 28.86
C ALA B 445 32.78 7.80 29.45
N LYS B 446 32.14 7.07 30.35
CA LYS B 446 32.76 5.92 31.01
C LYS B 446 32.52 4.66 30.19
N ALA B 447 33.39 3.66 30.40
CA ALA B 447 33.31 2.39 29.67
C ALA B 447 31.90 1.83 29.75
N SER B 448 31.31 1.91 30.92
CA SER B 448 30.03 1.30 31.21
C SER B 448 28.89 1.95 30.42
N ASP B 449 29.14 3.15 29.95
CA ASP B 449 28.20 3.86 29.08
C ASP B 449 28.58 3.78 27.63
N ILE B 450 29.69 3.10 27.32
CA ILE B 450 30.12 2.94 25.94
C ILE B 450 29.85 1.55 25.40
N PHE B 451 30.17 0.52 26.19
CA PHE B 451 30.07 -0.87 25.74
C PHE B 451 28.82 -1.57 26.27
N GLU B 452 28.37 -2.61 25.57
CA GLU B 452 27.35 -3.52 26.12
C GLU B 452 27.93 -4.92 26.33
N ASP B 453 27.22 -5.73 27.12
CA ASP B 453 27.72 -7.07 27.52
C ASP B 453 29.14 -7.03 28.10
N ILE B 454 29.38 -6.14 29.05
CA ILE B 454 30.69 -5.99 29.67
C ILE B 454 31.01 -7.22 30.53
N LYS B 455 29.96 -7.92 30.95
CA LYS B 455 30.06 -9.03 31.92
C LYS B 455 29.04 -10.13 31.61
N ARG C 39 -24.88 -0.68 1.64
CA ARG C 39 -23.81 -0.59 0.64
C ARG C 39 -22.76 0.47 1.03
N GLU C 40 -21.52 0.03 1.25
CA GLU C 40 -20.53 0.91 1.84
C GLU C 40 -19.83 1.78 0.79
N LEU C 41 -19.27 2.90 1.21
CA LEU C 41 -18.56 3.81 0.30
C LEU C 41 -17.29 4.27 0.98
N PRO C 42 -16.24 3.42 0.97
CA PRO C 42 -15.05 3.56 1.82
C PRO C 42 -14.09 4.70 1.43
N PHE C 43 -14.59 5.93 1.38
CA PHE C 43 -13.74 7.08 1.09
C PHE C 43 -12.69 7.23 2.19
N LYS C 44 -11.41 7.34 1.82
CA LYS C 44 -10.38 7.47 2.85
C LYS C 44 -9.60 8.77 2.71
N ALA C 45 -9.88 9.69 3.62
CA ALA C 45 -9.29 11.03 3.55
C ALA C 45 -7.79 11.02 3.57
N LYS C 46 -7.21 9.99 4.20
CA LYS C 46 -5.76 9.88 4.30
C LYS C 46 -5.17 9.71 2.90
N HIS C 47 -5.91 9.04 2.02
CA HIS C 47 -5.48 8.92 0.62
C HIS C 47 -5.43 10.29 -0.06
N ALA C 48 -6.48 11.06 0.15
CA ALA C 48 -6.59 12.39 -0.43
C ALA C 48 -5.53 13.30 0.15
N TYR C 49 -5.26 13.17 1.44
CA TYR C 49 -4.29 14.04 2.10
C TYR C 49 -2.93 13.85 1.45
N SER C 50 -2.58 12.61 1.18
CA SER C 50 -1.31 12.28 0.50
C SER C 50 -1.20 12.97 -0.87
N THR C 51 -2.28 12.88 -1.67
CA THR C 51 -2.31 13.46 -3.00
C THR C 51 -2.07 14.97 -2.91
N ILE C 52 -2.65 15.59 -1.88
CA ILE C 52 -2.47 17.03 -1.67
C ILE C 52 -1.01 17.32 -1.34
N SER C 53 -0.34 16.40 -0.66
CA SER C 53 1.09 16.59 -0.37
C SER C 53 1.90 16.58 -1.66
N GLN C 54 1.68 15.54 -2.47
CA GLN C 54 2.34 15.41 -3.76
C GLN C 54 2.18 16.66 -4.62
N LEU C 55 0.95 17.20 -4.63
CA LEU C 55 0.65 18.34 -5.47
C LEU C 55 1.21 19.62 -4.89
N SER C 56 1.14 19.76 -3.58
CA SER C 56 1.48 21.05 -2.97
C SER C 56 2.89 21.09 -2.35
N GLU C 57 3.47 19.94 -2.05
CA GLU C 57 4.82 19.94 -1.48
C GLU C 57 5.87 19.41 -2.46
N ALA C 58 5.80 18.10 -2.74
CA ALA C 58 6.64 17.45 -3.75
C ALA C 58 6.77 18.26 -5.05
N ILE C 59 5.69 18.92 -5.47
CA ILE C 59 5.71 19.84 -6.61
C ILE C 59 5.69 21.33 -6.25
N GLY C 60 4.73 21.74 -5.42
CA GLY C 60 4.55 23.17 -5.06
C GLY C 60 3.48 23.92 -5.87
N PRO C 61 3.64 25.24 -6.00
CA PRO C 61 2.72 26.05 -6.82
C PRO C 61 2.62 25.49 -8.22
N ARG C 62 1.41 25.48 -8.76
CA ARG C 62 1.17 24.86 -10.05
C ARG C 62 0.56 25.87 -11.00
N ILE C 63 1.34 26.90 -11.32
CA ILE C 63 0.85 28.01 -12.10
C ILE C 63 0.39 27.58 -13.51
N ALA C 64 -0.78 28.11 -13.91
CA ALA C 64 -1.36 27.79 -15.19
C ALA C 64 -0.35 28.04 -16.32
N GLY C 65 -0.16 27.06 -17.20
CA GLY C 65 0.81 27.19 -18.28
C GLY C 65 2.29 26.94 -17.99
N THR C 66 2.65 26.54 -16.77
CA THR C 66 4.05 26.32 -16.40
C THR C 66 4.38 24.85 -16.32
N ALA C 67 5.68 24.53 -16.20
CA ALA C 67 6.14 23.15 -16.17
C ALA C 67 5.51 22.46 -14.98
N ALA C 68 5.47 23.17 -13.86
CA ALA C 68 4.83 22.65 -12.67
C ALA C 68 3.41 22.20 -12.96
N GLU C 69 2.66 22.95 -13.78
CA GLU C 69 1.30 22.49 -14.13
C GLU C 69 1.41 21.28 -15.02
N LYS C 70 2.31 21.33 -16.00
CA LYS C 70 2.58 20.21 -16.90
C LYS C 70 2.99 18.95 -16.13
N LYS C 71 3.85 19.12 -15.14
CA LYS C 71 4.29 18.00 -14.30
C LYS C 71 3.18 17.44 -13.42
N SER C 72 2.35 18.32 -12.85
CA SER C 72 1.21 17.89 -12.07
C SER C 72 0.25 17.09 -12.96
N ALA C 73 0.14 17.52 -14.21
CA ALA C 73 -0.66 16.81 -15.20
C ALA C 73 -0.20 15.36 -15.39
N LEU C 74 1.11 15.11 -15.48
CA LEU C 74 1.59 13.73 -15.61
C LEU C 74 1.16 12.89 -14.41
N LEU C 75 1.20 13.51 -13.23
CA LEU C 75 0.92 12.77 -11.99
C LEU C 75 -0.53 12.34 -11.91
N ILE C 76 -1.42 13.29 -12.17
CA ILE C 76 -2.84 12.97 -12.12
C ILE C 76 -3.15 11.91 -13.15
N ALA C 77 -2.47 11.97 -14.30
CA ALA C 77 -2.69 11.02 -15.39
C ALA C 77 -2.33 9.60 -14.99
N SER C 78 -1.09 9.41 -14.52
CA SER C 78 -0.65 8.12 -13.98
C SER C 78 -1.63 7.56 -12.94
N SER C 79 -2.03 8.42 -12.01
CA SER C 79 -2.97 8.04 -10.92
C SER C 79 -4.32 7.58 -11.41
N MET C 80 -4.91 8.31 -12.36
CA MET C 80 -6.16 7.90 -12.98
C MET C 80 -6.05 6.55 -13.70
N ARG C 81 -4.85 6.22 -14.15
CA ARG C 81 -4.65 4.95 -14.86
C ARG C 81 -4.70 3.80 -13.87
N LYS C 82 -3.97 3.95 -12.76
CA LYS C 82 -3.99 2.94 -11.71
C LYS C 82 -5.43 2.67 -11.28
N LEU C 83 -6.26 3.70 -11.29
CA LEU C 83 -7.68 3.57 -10.93
C LEU C 83 -8.47 2.89 -12.03
N LYS C 84 -7.76 2.23 -12.95
CA LYS C 84 -8.34 1.52 -14.08
C LYS C 84 -9.27 2.38 -14.93
N LEU C 85 -9.01 3.69 -14.98
CA LEU C 85 -9.78 4.60 -15.82
C LEU C 85 -9.19 4.72 -17.23
N ASP C 86 -10.04 5.03 -18.20
CA ASP C 86 -9.58 5.31 -19.56
C ASP C 86 -9.20 6.81 -19.64
N VAL C 87 -7.91 7.08 -19.84
CA VAL C 87 -7.33 8.41 -19.62
C VAL C 87 -6.86 9.14 -20.89
N LYS C 88 -7.17 10.44 -21.01
CA LYS C 88 -6.69 11.23 -22.14
C LYS C 88 -6.24 12.62 -21.69
N VAL C 89 -5.23 13.16 -22.36
CA VAL C 89 -4.77 14.49 -22.02
C VAL C 89 -5.21 15.45 -23.12
N GLN C 90 -5.99 16.47 -22.75
CA GLN C 90 -6.56 17.43 -23.69
C GLN C 90 -5.88 18.76 -23.51
N ARG C 91 -5.17 19.21 -24.55
CA ARG C 91 -4.44 20.49 -24.54
C ARG C 91 -5.20 21.63 -25.18
N PHE C 92 -4.82 22.84 -24.79
CA PHE C 92 -5.50 24.00 -25.29
C PHE C 92 -4.60 25.18 -25.10
N ASN C 93 -4.83 26.21 -25.90
CA ASN C 93 -4.03 27.42 -25.79
C ASN C 93 -4.56 28.36 -24.72
N ILE C 94 -3.68 29.20 -24.22
CA ILE C 94 -4.04 30.15 -23.19
C ILE C 94 -3.23 31.39 -23.56
N PRO C 95 -3.68 32.57 -23.11
CA PRO C 95 -3.04 33.84 -23.52
C PRO C 95 -1.56 33.93 -23.24
N ASP C 96 -0.91 34.88 -23.90
CA ASP C 96 0.51 35.09 -23.73
C ASP C 96 0.80 35.39 -22.26
N ARG C 97 1.93 34.88 -21.78
CA ARG C 97 2.37 35.09 -20.42
C ARG C 97 3.33 36.28 -20.36
N LEU C 98 3.10 37.18 -19.42
CA LEU C 98 3.92 38.37 -19.31
C LEU C 98 4.97 38.21 -18.24
N GLU C 99 6.22 38.37 -18.67
CA GLU C 99 7.37 38.07 -17.83
C GLU C 99 8.25 39.31 -17.70
N GLY C 100 8.75 39.54 -16.49
CA GLY C 100 9.68 40.64 -16.27
C GLY C 100 9.81 41.10 -14.83
N THR C 101 10.53 42.21 -14.64
CA THR C 101 10.65 42.83 -13.33
C THR C 101 10.64 44.35 -13.41
N LEU C 102 10.53 44.99 -12.25
CA LEU C 102 10.63 46.44 -12.22
C LEU C 102 11.55 46.98 -11.12
N SER C 103 12.32 48.01 -11.45
CA SER C 103 13.12 48.68 -10.46
C SER C 103 12.94 50.19 -10.56
N SER C 104 13.27 50.89 -9.48
CA SER C 104 13.25 52.35 -9.43
C SER C 104 14.45 52.79 -8.62
N ALA C 105 15.34 53.55 -9.26
CA ALA C 105 16.66 53.84 -8.71
C ALA C 105 17.34 52.54 -8.30
N GLY C 106 17.60 52.41 -6.99
CA GLY C 106 18.17 51.19 -6.45
C GLY C 106 17.20 50.43 -5.58
N ARG C 107 16.19 49.84 -6.23
CA ARG C 107 15.19 49.03 -5.53
C ARG C 107 14.45 48.14 -6.52
N ASP C 108 14.72 46.84 -6.45
CA ASP C 108 14.05 45.84 -7.27
C ASP C 108 12.68 45.52 -6.66
N ILE C 109 11.61 45.84 -7.39
CA ILE C 109 10.26 45.60 -6.87
C ILE C 109 9.74 44.24 -7.38
N LEU C 110 9.42 43.37 -6.43
CA LEU C 110 8.79 42.09 -6.72
C LEU C 110 7.41 42.34 -7.34
N LEU C 111 7.32 42.28 -8.67
CA LEU C 111 6.04 42.54 -9.32
C LEU C 111 5.23 41.27 -9.65
N GLN C 112 4.23 41.45 -10.51
CA GLN C 112 3.38 40.38 -11.03
C GLN C 112 2.61 40.98 -12.19
N ALA C 113 2.80 40.43 -13.38
CA ALA C 113 2.15 41.00 -14.57
C ALA C 113 0.74 40.46 -14.76
N ALA C 114 -0.18 41.31 -15.19
CA ALA C 114 -1.55 40.90 -15.45
C ALA C 114 -1.69 40.25 -16.82
N SER C 115 -2.28 39.06 -16.83
CA SER C 115 -2.70 38.40 -18.08
C SER C 115 -3.54 39.36 -18.95
N GLY C 116 -3.14 39.56 -20.20
CA GLY C 116 -3.91 40.39 -21.12
C GLY C 116 -3.45 41.83 -21.30
N SER C 117 -2.53 42.29 -20.48
CA SER C 117 -1.99 43.64 -20.68
C SER C 117 -0.84 43.61 -21.68
N ALA C 118 -0.30 44.77 -22.02
CA ALA C 118 0.70 44.87 -23.10
C ALA C 118 2.12 44.53 -22.65
N PRO C 119 2.89 43.88 -23.54
CA PRO C 119 4.31 43.64 -23.26
C PRO C 119 5.10 44.94 -23.30
N THR C 120 6.28 44.95 -22.70
CA THR C 120 7.16 46.11 -22.82
C THR C 120 7.95 46.00 -24.13
N GLU C 121 8.46 47.14 -24.59
CA GLU C 121 9.44 47.18 -25.64
C GLU C 121 10.69 46.44 -25.15
N GLU C 122 11.41 45.85 -26.10
CA GLU C 122 12.65 45.12 -25.84
C GLU C 122 13.57 45.91 -24.91
N GLN C 123 13.62 47.20 -25.19
CA GLN C 123 14.54 48.17 -24.62
C GLN C 123 14.27 48.43 -23.13
N GLY C 124 13.01 48.32 -22.74
CA GLY C 124 12.61 48.61 -21.36
C GLY C 124 12.00 49.99 -21.21
N LEU C 125 10.71 50.04 -20.90
CA LEU C 125 9.97 51.31 -20.84
C LEU C 125 10.34 52.13 -19.61
N THR C 126 10.56 53.42 -19.81
CA THR C 126 10.97 54.28 -18.71
C THR C 126 10.34 55.67 -18.83
N ALA C 127 9.73 56.13 -17.74
CA ALA C 127 9.06 57.43 -17.67
C ALA C 127 8.80 57.78 -16.20
N PRO C 128 8.52 59.06 -15.89
CA PRO C 128 8.31 59.43 -14.48
C PRO C 128 7.11 58.75 -13.85
N LEU C 129 7.02 58.80 -12.54
CA LEU C 129 5.89 58.22 -11.85
C LEU C 129 4.82 59.26 -11.54
N TYR C 130 3.63 59.02 -12.07
CA TYR C 130 2.46 59.84 -11.76
C TYR C 130 1.52 59.17 -10.73
N ASN C 131 1.49 59.72 -9.52
CA ASN C 131 0.55 59.24 -8.51
C ASN C 131 -0.89 59.50 -8.95
N ALA C 132 -1.76 58.50 -8.80
CA ALA C 132 -3.10 58.58 -9.37
C ALA C 132 -4.17 58.00 -8.45
N GLY C 133 -3.90 57.96 -7.15
CA GLY C 133 -4.89 57.56 -6.18
C GLY C 133 -5.48 56.21 -6.53
N LEU C 134 -6.72 55.98 -6.10
CA LEU C 134 -7.37 54.67 -6.27
C LEU C 134 -7.73 54.38 -7.73
N GLY C 135 -7.51 55.37 -8.59
CA GLY C 135 -7.67 55.16 -10.01
C GLY C 135 -8.96 55.64 -10.64
N TYR C 136 -9.84 56.23 -9.83
CA TYR C 136 -11.05 56.90 -10.32
C TYR C 136 -10.71 57.85 -11.46
N GLN C 137 -11.62 57.98 -12.43
CA GLN C 137 -11.38 58.90 -13.55
C GLN C 137 -11.00 60.27 -13.00
N LYS C 138 -11.74 60.68 -11.97
CA LYS C 138 -11.45 61.83 -11.10
C LYS C 138 -9.96 62.12 -10.92
N ASP C 139 -9.17 61.06 -10.75
CA ASP C 139 -7.77 61.20 -10.32
C ASP C 139 -6.75 61.38 -11.45
N PHE C 140 -7.19 61.46 -12.70
CA PHE C 140 -6.24 61.49 -13.81
C PHE C 140 -6.19 62.82 -14.55
N THR C 141 -5.42 63.77 -14.01
CA THR C 141 -5.22 65.08 -14.64
C THR C 141 -4.46 64.86 -15.95
N ALA C 142 -4.33 65.89 -16.78
CA ALA C 142 -3.64 65.69 -18.06
C ALA C 142 -2.17 65.34 -17.85
N ASP C 143 -1.67 65.54 -16.63
CA ASP C 143 -0.27 65.26 -16.31
C ASP C 143 0.14 63.78 -16.44
N ALA C 144 -0.84 62.87 -16.40
CA ALA C 144 -0.56 61.45 -16.45
C ALA C 144 -0.05 60.98 -17.82
N LYS C 145 -0.32 61.79 -18.85
CA LYS C 145 -0.06 61.39 -20.23
C LYS C 145 1.44 61.26 -20.55
N GLY C 146 1.88 60.03 -20.78
CA GLY C 146 3.30 59.75 -20.99
C GLY C 146 3.97 59.17 -19.75
N LYS C 147 3.34 59.35 -18.59
CA LYS C 147 3.89 58.81 -17.35
C LYS C 147 3.36 57.41 -17.02
N ILE C 148 3.97 56.78 -16.02
CA ILE C 148 3.50 55.50 -15.51
C ILE C 148 2.51 55.76 -14.38
N ALA C 149 1.23 55.51 -14.66
CA ALA C 149 0.18 55.65 -13.66
C ALA C 149 0.39 54.67 -12.51
N LEU C 150 0.70 55.21 -11.33
CA LEU C 150 0.82 54.41 -10.11
C LEU C 150 -0.50 54.49 -9.37
N ILE C 151 -1.19 53.36 -9.30
CA ILE C 151 -2.53 53.29 -8.75
C ILE C 151 -2.58 52.35 -7.55
N SER C 152 -3.42 52.67 -6.59
CA SER C 152 -3.62 51.78 -5.45
C SER C 152 -4.80 50.83 -5.64
N ARG C 153 -4.79 49.72 -4.90
CA ARG C 153 -5.90 48.77 -4.88
C ARG C 153 -7.02 49.27 -3.96
N GLY C 154 -8.27 49.03 -4.36
CA GLY C 154 -9.44 49.42 -3.60
C GLY C 154 -10.64 49.93 -4.40
N ASP C 155 -11.81 49.38 -4.07
CA ASP C 155 -13.12 49.78 -4.63
C ASP C 155 -13.30 49.40 -6.10
N LEU C 156 -12.58 50.09 -6.98
CA LEU C 156 -12.63 49.76 -8.39
C LEU C 156 -12.00 48.41 -8.65
N THR C 157 -12.42 47.74 -9.72
CA THR C 157 -11.81 46.50 -10.13
C THR C 157 -10.46 46.85 -10.72
N TYR C 158 -9.60 45.85 -10.86
CA TYR C 158 -8.29 46.09 -11.44
C TYR C 158 -8.43 46.59 -12.87
N TYR C 159 -9.35 45.99 -13.61
CA TYR C 159 -9.57 46.43 -14.98
C TYR C 159 -10.11 47.88 -15.05
N GLU C 160 -10.93 48.27 -14.08
CA GLU C 160 -11.46 49.62 -14.09
C GLU C 160 -10.39 50.67 -13.80
N LYS C 161 -9.52 50.38 -12.83
CA LYS C 161 -8.37 51.24 -12.56
C LYS C 161 -7.47 51.37 -13.80
N ALA C 162 -7.27 50.25 -14.48
CA ALA C 162 -6.39 50.20 -15.64
C ALA C 162 -7.03 50.93 -16.82
N LYS C 163 -8.34 50.80 -16.93
CA LYS C 163 -9.06 51.43 -18.03
C LYS C 163 -8.91 52.95 -17.94
N ASN C 164 -9.15 53.49 -16.75
CA ASN C 164 -8.95 54.92 -16.49
C ASN C 164 -7.53 55.39 -16.83
N ALA C 165 -6.54 54.59 -16.44
CA ALA C 165 -5.15 54.88 -16.72
C ALA C 165 -4.85 54.92 -18.21
N GLU C 166 -5.22 53.86 -18.93
CA GLU C 166 -4.95 53.76 -20.37
C GLU C 166 -5.65 54.87 -21.17
N ALA C 167 -6.78 55.34 -20.67
CA ALA C 167 -7.54 56.37 -21.37
C ALA C 167 -6.91 57.74 -21.11
N ALA C 168 -6.29 57.87 -19.94
CA ALA C 168 -5.61 59.12 -19.54
C ALA C 168 -4.19 59.27 -20.14
N GLY C 169 -3.86 58.41 -21.11
CA GLY C 169 -2.58 58.50 -21.78
C GLY C 169 -1.40 57.97 -20.98
N ALA C 170 -1.66 57.08 -20.02
CA ALA C 170 -0.58 56.43 -19.31
C ALA C 170 0.20 55.55 -20.28
N LYS C 171 1.47 55.30 -19.96
CA LYS C 171 2.30 54.40 -20.76
C LYS C 171 2.43 53.04 -20.05
N ALA C 172 1.96 52.98 -18.80
CA ALA C 172 1.98 51.75 -18.01
C ALA C 172 1.13 51.91 -16.74
N VAL C 173 0.94 50.80 -16.02
CA VAL C 173 0.13 50.79 -14.80
C VAL C 173 0.79 49.96 -13.71
N ILE C 174 0.91 50.53 -12.51
CA ILE C 174 1.44 49.81 -11.36
C ILE C 174 0.44 49.82 -10.21
N ILE C 175 -0.26 48.71 -9.99
CA ILE C 175 -1.23 48.66 -8.91
C ILE C 175 -0.58 48.04 -7.70
N TYR C 176 -0.63 48.71 -6.56
CA TYR C 176 -0.03 48.14 -5.35
C TYR C 176 -1.08 47.71 -4.36
N ASN C 177 -0.80 46.61 -3.69
CA ASN C 177 -1.74 46.04 -2.75
C ASN C 177 -2.07 47.05 -1.68
N ASN C 178 -3.29 46.95 -1.15
CA ASN C 178 -3.66 47.72 0.02
C ASN C 178 -3.77 46.77 1.20
N LYS C 179 -3.07 45.65 1.10
CA LYS C 179 -3.02 44.71 2.20
C LYS C 179 -1.61 44.15 2.41
N GLU C 180 -1.32 43.76 3.65
CA GLU C 180 -0.01 43.23 3.99
C GLU C 180 0.14 41.84 3.39
N SER C 181 0.97 41.74 2.36
CA SER C 181 1.31 40.45 1.77
C SER C 181 2.82 40.30 1.67
N LEU C 182 3.34 39.18 2.15
CA LEU C 182 4.77 38.92 1.98
C LEU C 182 5.04 38.34 0.59
N VAL C 183 4.23 38.74 -0.38
CA VAL C 183 4.28 38.26 -1.76
C VAL C 183 3.51 39.24 -2.66
N PRO C 184 3.96 39.43 -3.89
CA PRO C 184 3.33 40.40 -4.79
C PRO C 184 1.89 40.02 -5.16
N MET C 185 1.22 40.93 -5.85
CA MET C 185 -0.22 40.88 -6.02
C MET C 185 -0.58 40.71 -7.49
N THR C 186 -1.62 39.95 -7.79
CA THR C 186 -2.00 39.75 -9.20
C THR C 186 -3.20 40.61 -9.58
N PRO C 187 -2.98 41.58 -10.48
CA PRO C 187 -3.99 42.56 -10.88
C PRO C 187 -4.89 42.03 -11.98
N ASN C 188 -5.72 41.04 -11.66
CA ASN C 188 -6.51 40.32 -12.65
C ASN C 188 -7.46 41.22 -13.46
N LEU C 189 -7.38 41.13 -14.79
CA LEU C 189 -8.09 42.06 -15.66
C LEU C 189 -9.47 41.54 -16.06
N SER C 190 -9.93 40.51 -15.36
CA SER C 190 -11.20 39.81 -15.56
C SER C 190 -11.61 39.65 -17.01
N GLY C 191 -10.66 39.26 -17.86
CA GLY C 191 -10.96 38.85 -19.22
C GLY C 191 -10.73 39.88 -20.30
N ASN C 192 -10.29 41.07 -19.90
CA ASN C 192 -10.19 42.15 -20.88
C ASN C 192 -8.75 42.41 -21.30
N LYS C 193 -8.55 42.74 -22.57
CA LYS C 193 -7.24 43.18 -23.05
C LYS C 193 -7.02 44.65 -22.67
N VAL C 194 -5.77 45.03 -22.47
CA VAL C 194 -5.39 46.39 -22.10
C VAL C 194 -4.13 46.76 -22.87
N GLY C 195 -4.13 47.95 -23.48
CA GLY C 195 -3.09 48.35 -24.41
C GLY C 195 -1.74 48.72 -23.81
N ILE C 196 -1.62 48.68 -22.49
CA ILE C 196 -0.40 49.08 -21.83
C ILE C 196 -0.07 48.04 -20.75
N PRO C 197 1.17 48.04 -20.24
CA PRO C 197 1.49 47.05 -19.21
C PRO C 197 0.82 47.33 -17.86
N VAL C 198 0.35 46.28 -17.21
CA VAL C 198 -0.24 46.42 -15.87
C VAL C 198 0.43 45.42 -14.95
N VAL C 199 1.01 45.93 -13.86
CA VAL C 199 1.65 45.04 -12.90
C VAL C 199 1.13 45.32 -11.52
N GLY C 200 1.16 44.29 -10.69
CA GLY C 200 0.79 44.42 -9.30
C GLY C 200 2.02 44.26 -8.45
N ILE C 201 2.15 45.11 -7.44
CA ILE C 201 3.31 45.05 -6.57
C ILE C 201 2.87 45.03 -5.12
N LYS C 202 3.82 44.88 -4.22
CA LYS C 202 3.54 44.80 -2.80
C LYS C 202 3.16 46.18 -2.27
N LYS C 203 2.50 46.19 -1.11
CA LYS C 203 1.99 47.42 -0.53
C LYS C 203 3.12 48.42 -0.24
N GLU C 204 4.12 47.96 0.53
CA GLU C 204 5.21 48.83 0.96
C GLU C 204 5.98 49.42 -0.20
N ASP C 205 6.25 48.60 -1.21
CA ASP C 205 7.03 49.09 -2.33
C ASP C 205 6.18 49.94 -3.26
N GLY C 206 4.87 49.82 -3.12
CA GLY C 206 3.97 50.72 -3.81
C GLY C 206 4.03 52.06 -3.13
N GLU C 207 3.99 52.03 -1.80
CA GLU C 207 4.07 53.24 -0.98
C GLU C 207 5.42 53.95 -1.18
N ALA C 208 6.51 53.20 -1.07
CA ALA C 208 7.86 53.74 -1.30
C ALA C 208 8.00 54.32 -2.72
N LEU C 209 7.28 53.73 -3.68
CA LEU C 209 7.34 54.18 -5.07
C LEU C 209 6.53 55.46 -5.30
N THR C 210 5.80 55.89 -4.28
CA THR C 210 5.04 57.14 -4.35
C THR C 210 6.00 58.31 -4.20
N GLN C 211 7.00 58.12 -3.34
CA GLN C 211 8.01 59.13 -3.07
C GLN C 211 8.94 59.27 -4.25
N GLN C 212 9.28 58.15 -4.88
CA GLN C 212 10.02 58.21 -6.14
C GLN C 212 9.10 58.83 -7.20
N LYS C 213 9.66 59.40 -8.25
CA LYS C 213 8.81 59.86 -9.33
C LYS C 213 9.45 59.54 -10.67
N GLU C 214 9.98 58.32 -10.74
CA GLU C 214 10.43 57.71 -11.98
C GLU C 214 10.62 56.21 -11.76
N ALA C 215 10.30 55.42 -12.78
CA ALA C 215 10.53 53.98 -12.74
C ALA C 215 10.74 53.41 -14.13
N THR C 216 11.29 52.20 -14.18
CA THR C 216 11.74 51.58 -15.42
C THR C 216 11.06 50.21 -15.68
N LEU C 217 10.30 50.13 -16.77
CA LEU C 217 9.46 48.96 -17.06
C LEU C 217 10.10 47.92 -17.99
N LYS C 218 10.25 46.69 -17.52
CA LYS C 218 10.68 45.61 -18.42
C LYS C 218 9.83 44.33 -18.31
N LEU C 219 9.06 44.07 -19.38
CA LEU C 219 8.16 42.92 -19.49
C LEU C 219 8.12 42.35 -20.92
N LYS C 220 8.15 41.02 -21.04
CA LYS C 220 8.10 40.35 -22.35
C LYS C 220 6.94 39.36 -22.50
N ALA C 221 6.33 39.31 -23.68
CA ALA C 221 5.19 38.43 -23.94
C ALA C 221 5.59 37.13 -24.62
N PHE C 222 5.55 36.04 -23.85
CA PHE C 222 5.87 34.73 -24.37
C PHE C 222 4.65 34.08 -24.98
N THR C 223 4.59 33.98 -26.30
CA THR C 223 3.44 33.42 -26.99
C THR C 223 3.37 31.91 -26.84
N ASN C 224 2.46 31.30 -27.60
CA ASN C 224 2.24 29.86 -27.58
C ASN C 224 2.19 29.23 -26.18
N GLN C 225 1.46 29.87 -25.26
CA GLN C 225 1.31 29.31 -23.93
C GLN C 225 0.20 28.25 -23.95
N THR C 226 0.40 27.12 -23.28
CA THR C 226 -0.64 26.08 -23.26
C THR C 226 -0.87 25.50 -21.88
N SER C 227 -2.01 24.83 -21.74
CA SER C 227 -2.37 24.12 -20.52
C SER C 227 -3.09 22.88 -20.97
N GLN C 228 -3.58 22.09 -20.03
CA GLN C 228 -4.19 20.83 -20.40
C GLN C 228 -5.13 20.30 -19.32
N ASN C 229 -6.17 19.61 -19.76
CA ASN C 229 -7.04 18.85 -18.91
C ASN C 229 -6.66 17.37 -18.93
N ILE C 230 -6.93 16.66 -17.84
CA ILE C 230 -6.77 15.21 -17.81
C ILE C 230 -8.11 14.60 -17.54
N ILE C 231 -8.62 13.82 -18.48
CA ILE C 231 -9.94 13.20 -18.36
C ILE C 231 -9.77 11.71 -18.15
N GLY C 232 -10.52 11.17 -17.19
CA GLY C 232 -10.50 9.76 -16.90
C GLY C 232 -11.92 9.24 -16.84
N ILE C 233 -12.29 8.39 -17.81
CA ILE C 233 -13.66 7.96 -17.98
C ILE C 233 -13.89 6.54 -17.49
N LYS C 234 -14.96 6.35 -16.73
CA LYS C 234 -15.46 5.03 -16.37
C LYS C 234 -16.69 4.78 -17.23
N LYS C 235 -16.52 3.94 -18.23
CA LYS C 235 -17.58 3.68 -19.20
C LYS C 235 -18.19 2.29 -18.98
N PRO C 236 -19.53 2.23 -18.97
CA PRO C 236 -20.27 0.96 -18.94
C PRO C 236 -20.16 0.24 -20.31
N LYS C 237 -19.97 -1.07 -20.29
CA LYS C 237 -19.53 -1.77 -21.50
C LYS C 237 -20.65 -2.40 -22.36
N ASN C 238 -21.90 -2.30 -21.93
CA ASN C 238 -22.99 -2.73 -22.81
C ASN C 238 -24.15 -1.71 -22.88
N ILE C 239 -23.80 -0.42 -22.76
CA ILE C 239 -24.78 0.65 -22.91
C ILE C 239 -24.42 1.56 -24.10
N LYS C 240 -25.36 1.74 -25.02
CA LYS C 240 -25.18 2.65 -26.15
C LYS C 240 -25.52 4.10 -25.78
N HIS C 241 -24.55 5.00 -25.94
CA HIS C 241 -24.74 6.43 -25.65
C HIS C 241 -25.28 6.69 -24.25
N PRO C 242 -24.56 6.25 -23.20
CA PRO C 242 -25.04 6.36 -21.83
C PRO C 242 -25.04 7.80 -21.30
N ASP C 243 -25.91 8.10 -20.33
CA ASP C 243 -25.87 9.40 -19.65
C ASP C 243 -24.48 9.70 -19.08
N ILE C 244 -24.14 10.98 -18.99
CA ILE C 244 -22.79 11.36 -18.59
C ILE C 244 -22.83 12.17 -17.29
N VAL C 245 -22.12 11.67 -16.28
CA VAL C 245 -21.93 12.39 -15.04
C VAL C 245 -20.47 12.86 -14.98
N TYR C 246 -20.26 14.13 -14.64
CA TYR C 246 -18.91 14.70 -14.57
C TYR C 246 -18.53 14.99 -13.14
N VAL C 247 -17.40 14.44 -12.70
CA VAL C 247 -16.83 14.78 -11.41
C VAL C 247 -15.49 15.48 -11.67
N THR C 248 -15.38 16.72 -11.23
CA THR C 248 -14.31 17.59 -11.68
C THR C 248 -13.64 18.40 -10.57
N ALA C 249 -12.40 18.82 -10.84
CA ALA C 249 -11.69 19.76 -9.99
C ALA C 249 -10.56 20.32 -10.80
N HIS C 250 -10.11 21.52 -10.49
CA HIS C 250 -8.96 22.05 -11.16
C HIS C 250 -7.68 21.86 -10.36
N TYR C 251 -6.54 21.69 -11.05
CA TYR C 251 -5.30 21.31 -10.37
C TYR C 251 -4.24 22.41 -10.43
N ASP C 252 -4.59 23.56 -10.97
CA ASP C 252 -3.66 24.67 -10.97
C ASP C 252 -3.88 25.54 -9.73
N SER C 253 -2.97 26.49 -9.53
CA SER C 253 -3.08 27.38 -8.39
C SER C 253 -2.47 28.74 -8.74
N VAL C 254 -2.77 29.75 -7.94
CA VAL C 254 -2.29 31.10 -8.18
C VAL C 254 -0.81 31.18 -7.85
N PRO C 255 -0.12 32.16 -8.42
CA PRO C 255 1.31 32.31 -8.13
C PRO C 255 1.63 32.33 -6.62
N PHE C 256 2.79 31.80 -6.27
CA PHE C 256 3.30 31.78 -4.89
C PHE C 256 2.47 30.96 -3.90
N SER C 257 1.53 30.19 -4.41
CA SER C 257 0.66 29.40 -3.53
C SER C 257 0.76 27.90 -3.77
N PRO C 258 1.15 27.15 -2.73
CA PRO C 258 1.17 25.69 -2.80
C PRO C 258 -0.16 25.12 -3.27
N GLY C 259 -1.24 25.88 -3.06
CA GLY C 259 -2.55 25.46 -3.55
C GLY C 259 -2.99 24.14 -2.97
N ALA C 260 -2.72 23.97 -1.67
CA ALA C 260 -3.12 22.76 -0.96
C ALA C 260 -4.64 22.70 -0.89
N ASN C 261 -5.27 23.79 -0.47
CA ASN C 261 -6.73 23.74 -0.39
C ASN C 261 -7.34 24.13 -1.72
N ASP C 262 -6.79 25.17 -2.33
CA ASP C 262 -7.25 25.64 -3.63
C ASP C 262 -6.20 25.43 -4.75
N ASN C 263 -6.30 24.28 -5.42
CA ASN C 263 -7.37 23.30 -5.18
C ASN C 263 -6.85 21.85 -5.18
N GLY C 264 -5.75 21.63 -4.48
CA GLY C 264 -5.22 20.29 -4.32
C GLY C 264 -6.30 19.43 -3.70
N SER C 265 -6.94 19.96 -2.67
CA SER C 265 -8.00 19.25 -1.94
C SER C 265 -9.08 18.72 -2.88
N GLY C 266 -9.62 19.60 -3.72
CA GLY C 266 -10.65 19.16 -4.66
C GLY C 266 -10.14 18.07 -5.57
N THR C 267 -8.92 18.25 -6.08
CA THR C 267 -8.36 17.27 -6.99
C THR C 267 -8.16 15.93 -6.28
N SER C 268 -7.66 16.01 -5.06
CA SER C 268 -7.39 14.80 -4.29
C SER C 268 -8.70 14.06 -3.98
N VAL C 269 -9.74 14.80 -3.58
CA VAL C 269 -11.04 14.16 -3.27
C VAL C 269 -11.71 13.58 -4.52
N MET C 270 -11.56 14.25 -5.67
CA MET C 270 -12.05 13.69 -6.95
C MET C 270 -11.39 12.34 -7.22
N LEU C 271 -10.07 12.31 -7.08
CA LEU C 271 -9.32 11.08 -7.30
C LEU C 271 -9.76 10.01 -6.29
N GLU C 272 -9.84 10.35 -5.00
CA GLU C 272 -10.25 9.33 -4.03
C GLU C 272 -11.66 8.79 -4.31
N MET C 273 -12.56 9.66 -4.74
CA MET C 273 -13.90 9.22 -5.11
C MET C 273 -13.87 8.27 -6.30
N ALA C 274 -12.96 8.53 -7.25
CA ALA C 274 -12.82 7.66 -8.40
C ALA C 274 -12.39 6.26 -7.95
N ARG C 275 -11.39 6.17 -7.08
CA ARG C 275 -11.03 4.87 -6.46
C ARG C 275 -12.25 4.17 -5.83
N VAL C 276 -12.99 4.89 -4.98
CA VAL C 276 -14.19 4.34 -4.36
C VAL C 276 -15.18 3.78 -5.39
N LEU C 277 -15.49 4.59 -6.40
CA LEU C 277 -16.51 4.26 -7.38
C LEU C 277 -16.07 3.26 -8.47
N LYS C 278 -14.82 2.81 -8.41
CA LYS C 278 -14.34 1.78 -9.34
C LYS C 278 -15.11 0.44 -9.22
N SER C 279 -15.59 0.14 -8.02
CA SER C 279 -16.27 -1.12 -7.78
C SER C 279 -17.79 -0.99 -7.74
N VAL C 280 -18.29 0.13 -8.25
CA VAL C 280 -19.72 0.37 -8.24
C VAL C 280 -20.36 0.21 -9.63
N PRO C 281 -21.27 -0.76 -9.79
CA PRO C 281 -21.90 -1.04 -11.09
C PRO C 281 -22.63 0.18 -11.61
N SER C 282 -22.21 0.73 -12.75
CA SER C 282 -22.89 1.91 -13.28
C SER C 282 -23.28 1.80 -14.73
N ASP C 283 -24.49 2.26 -15.03
CA ASP C 283 -24.98 2.44 -16.39
C ASP C 283 -24.80 3.89 -16.82
N LYS C 284 -24.03 4.65 -16.03
CA LYS C 284 -23.70 6.02 -16.36
C LYS C 284 -22.24 6.11 -16.83
N GLU C 285 -21.97 6.94 -17.83
CA GLU C 285 -20.60 7.20 -18.21
C GLU C 285 -20.05 8.26 -17.28
N ILE C 286 -19.04 7.89 -16.50
CA ILE C 286 -18.51 8.83 -15.50
C ILE C 286 -17.15 9.37 -15.91
N ARG C 287 -17.12 10.67 -16.13
CA ARG C 287 -15.89 11.35 -16.50
C ARG C 287 -15.35 12.12 -15.31
N PHE C 288 -14.21 11.66 -14.81
CA PHE C 288 -13.42 12.38 -13.81
C PHE C 288 -12.46 13.35 -14.51
N ILE C 289 -12.50 14.63 -14.19
CA ILE C 289 -11.66 15.59 -14.90
C ILE C 289 -10.88 16.53 -13.98
N ALA C 290 -9.57 16.54 -14.13
CA ALA C 290 -8.78 17.60 -13.53
C ALA C 290 -8.55 18.72 -14.57
N PHE C 291 -9.05 19.92 -14.26
CA PHE C 291 -9.07 21.05 -15.17
C PHE C 291 -7.86 21.94 -15.03
N GLY C 292 -7.20 22.25 -16.15
CA GLY C 292 -6.08 23.16 -16.09
C GLY C 292 -6.55 24.61 -16.16
N ALA C 293 -5.68 25.50 -15.73
CA ALA C 293 -5.86 26.94 -15.96
C ALA C 293 -7.20 27.46 -15.47
N GLU C 294 -7.68 26.98 -14.33
CA GLU C 294 -8.90 27.54 -13.76
C GLU C 294 -8.71 28.97 -13.25
N GLU C 295 -7.54 29.26 -12.68
CA GLU C 295 -7.31 30.56 -12.11
C GLU C 295 -7.22 31.70 -13.12
N LEU C 296 -7.26 31.37 -14.40
CA LEU C 296 -7.19 32.40 -15.44
C LEU C 296 -8.57 32.76 -15.95
N GLY C 297 -9.59 31.98 -15.58
CA GLY C 297 -10.95 32.23 -16.00
C GLY C 297 -11.62 30.97 -16.53
N LEU C 298 -11.44 29.89 -15.80
CA LEU C 298 -12.11 28.64 -16.13
C LEU C 298 -11.76 28.21 -17.56
N LEU C 299 -10.49 28.47 -17.94
CA LEU C 299 -10.03 28.23 -19.32
C LEU C 299 -10.11 26.77 -19.69
N GLY C 300 -9.77 25.89 -18.75
CA GLY C 300 -9.82 24.46 -18.96
C GLY C 300 -11.23 23.94 -19.15
N SER C 301 -12.12 24.29 -18.23
CA SER C 301 -13.48 23.79 -18.35
C SER C 301 -14.25 24.47 -19.48
N SER C 302 -13.97 25.74 -19.77
CA SER C 302 -14.59 26.37 -20.94
C SER C 302 -14.17 25.62 -22.20
N HIS C 303 -12.87 25.37 -22.34
CA HIS C 303 -12.41 24.60 -23.49
C HIS C 303 -13.10 23.24 -23.53
N TYR C 304 -13.13 22.56 -22.38
CA TYR C 304 -13.69 21.21 -22.36
C TYR C 304 -15.14 21.21 -22.80
N VAL C 305 -15.95 22.08 -22.19
CA VAL C 305 -17.39 22.12 -22.50
C VAL C 305 -17.59 22.51 -23.94
N ASP C 306 -16.87 23.53 -24.38
CA ASP C 306 -16.92 24.01 -25.76
C ASP C 306 -16.76 22.89 -26.78
N HIS C 307 -15.93 21.90 -26.45
CA HIS C 307 -15.60 20.85 -27.42
C HIS C 307 -16.39 19.57 -27.23
N LEU C 308 -17.34 19.60 -26.31
CA LEU C 308 -18.35 18.57 -26.26
C LEU C 308 -19.15 18.65 -27.56
N SER C 309 -19.56 17.49 -28.06
CA SER C 309 -20.39 17.44 -29.25
C SER C 309 -21.83 17.80 -28.87
N GLU C 310 -22.66 17.93 -29.90
CA GLU C 310 -24.07 18.15 -29.72
C GLU C 310 -24.67 16.89 -29.09
N LYS C 311 -24.17 15.74 -29.55
CA LYS C 311 -24.60 14.44 -29.08
C LYS C 311 -24.34 14.30 -27.60
N GLU C 312 -23.15 14.72 -27.19
CA GLU C 312 -22.70 14.62 -25.81
C GLU C 312 -23.43 15.56 -24.84
N LEU C 313 -23.60 16.82 -25.23
CA LEU C 313 -24.35 17.77 -24.42
C LEU C 313 -25.79 17.31 -24.18
N LYS C 314 -26.42 16.74 -25.20
CA LYS C 314 -27.77 16.17 -25.08
C LYS C 314 -27.76 15.06 -24.05
N ARG C 315 -26.59 14.47 -23.89
CA ARG C 315 -26.36 13.26 -23.11
C ARG C 315 -25.79 13.57 -21.70
N SER C 316 -25.50 14.85 -21.47
CA SER C 316 -24.93 15.28 -20.19
C SER C 316 -25.98 15.47 -19.11
N GLU C 317 -25.75 14.78 -17.99
CA GLU C 317 -26.69 14.78 -16.89
C GLU C 317 -26.35 15.80 -15.81
N VAL C 318 -25.16 15.69 -15.23
CA VAL C 318 -24.86 16.49 -14.07
C VAL C 318 -23.37 16.62 -13.87
N ASN C 319 -22.95 17.81 -13.41
CA ASN C 319 -21.58 18.08 -13.05
C ASN C 319 -21.41 18.35 -11.53
N PHE C 320 -20.63 17.51 -10.84
CA PHE C 320 -20.22 17.77 -9.45
C PHE C 320 -18.83 18.34 -9.47
N ASN C 321 -18.67 19.61 -9.14
CA ASN C 321 -17.35 20.23 -9.09
C ASN C 321 -16.88 20.40 -7.65
N LEU C 322 -15.62 20.07 -7.40
CA LEU C 322 -15.05 20.17 -6.07
C LEU C 322 -13.98 21.24 -6.03
N ASP C 323 -14.20 22.29 -5.26
CA ASP C 323 -13.20 23.33 -5.24
C ASP C 323 -13.10 23.99 -3.85
N MET C 324 -11.98 23.71 -3.18
CA MET C 324 -11.70 24.10 -1.77
C MET C 324 -12.54 23.28 -0.74
N VAL C 325 -12.17 22.01 -0.57
CA VAL C 325 -12.95 21.08 0.23
C VAL C 325 -12.16 20.48 1.40
N GLY C 326 -11.15 21.19 1.88
CA GLY C 326 -10.30 20.66 2.92
C GLY C 326 -9.73 21.61 3.97
N THR C 327 -10.13 22.88 3.98
CA THR C 327 -9.59 23.82 4.95
C THR C 327 -9.72 23.34 6.38
N SER C 328 -8.79 23.78 7.22
CA SER C 328 -8.76 23.43 8.63
C SER C 328 -9.22 24.63 9.44
N TRP C 329 -9.51 25.72 8.76
CA TRP C 329 -10.08 26.91 9.39
C TRP C 329 -11.26 26.53 10.26
N GLU C 330 -11.24 26.93 11.53
CA GLU C 330 -12.21 26.41 12.47
C GLU C 330 -13.61 26.93 12.14
N LYS C 331 -13.70 28.16 11.67
CA LYS C 331 -15.00 28.73 11.32
C LYS C 331 -15.71 28.06 10.11
N ALA C 332 -14.97 27.55 9.13
CA ALA C 332 -15.61 27.03 7.92
C ALA C 332 -16.26 25.67 8.18
N SER C 333 -17.33 25.67 8.95
CA SER C 333 -17.99 24.44 9.36
C SER C 333 -19.17 24.05 8.46
N GLU C 334 -19.55 24.94 7.55
CA GLU C 334 -20.63 24.66 6.62
C GLU C 334 -20.11 24.27 5.21
N LEU C 335 -20.55 23.12 4.72
CA LEU C 335 -20.26 22.72 3.36
C LEU C 335 -21.35 23.22 2.43
N TYR C 336 -20.98 24.17 1.56
CA TYR C 336 -21.93 24.80 0.65
C TYR C 336 -21.96 24.14 -0.72
N VAL C 337 -23.16 24.05 -1.27
CA VAL C 337 -23.35 23.62 -2.63
C VAL C 337 -23.72 24.86 -3.45
N ASN C 338 -22.72 25.48 -4.06
CA ASN C 338 -22.90 26.66 -4.89
C ASN C 338 -23.47 26.38 -6.28
N THR C 339 -24.67 26.83 -6.56
CA THR C 339 -25.15 26.83 -7.94
C THR C 339 -25.09 28.25 -8.50
N LEU C 340 -24.85 28.34 -9.80
CA LEU C 340 -24.63 29.64 -10.43
C LEU C 340 -25.79 30.61 -10.17
N ASP C 341 -27.02 30.15 -10.31
CA ASP C 341 -28.16 31.02 -10.06
C ASP C 341 -28.70 30.92 -8.63
N GLY C 342 -28.26 29.95 -7.86
CA GLY C 342 -28.76 29.82 -6.49
C GLY C 342 -29.94 28.86 -6.39
N GLN C 343 -30.50 28.46 -7.52
CA GLN C 343 -31.64 27.55 -7.51
C GLN C 343 -31.20 26.13 -7.36
N SER C 344 -32.04 25.33 -6.71
CA SER C 344 -31.86 23.91 -6.68
C SER C 344 -31.72 23.33 -8.10
N ASN C 345 -30.93 22.27 -8.23
CA ASN C 345 -30.90 21.51 -9.46
C ASN C 345 -30.54 20.09 -9.10
N TYR C 346 -30.07 19.31 -10.06
CA TYR C 346 -29.86 17.90 -9.76
C TYR C 346 -28.69 17.64 -8.81
N VAL C 347 -27.71 18.53 -8.73
CA VAL C 347 -26.64 18.30 -7.77
C VAL C 347 -27.24 18.41 -6.37
N TRP C 348 -28.08 19.41 -6.17
CA TRP C 348 -28.66 19.66 -4.85
C TRP C 348 -29.60 18.55 -4.43
N GLU C 349 -30.50 18.15 -5.31
CA GLU C 349 -31.39 17.02 -5.05
C GLU C 349 -30.56 15.80 -4.62
N SER C 350 -29.50 15.51 -5.37
CA SER C 350 -28.61 14.40 -5.05
C SER C 350 -27.93 14.56 -3.70
N SER C 351 -27.40 15.75 -3.44
CA SER C 351 -26.56 15.99 -2.27
C SER C 351 -27.39 16.06 -1.01
N ARG C 352 -28.58 16.64 -1.10
CA ARG C 352 -29.47 16.72 0.06
C ARG C 352 -29.93 15.32 0.45
N THR C 353 -30.33 14.54 -0.55
CA THR C 353 -30.67 13.13 -0.34
C THR C 353 -29.50 12.40 0.32
N ALA C 354 -28.28 12.74 -0.08
CA ALA C 354 -27.10 12.07 0.44
C ALA C 354 -26.92 12.44 1.91
N ALA C 355 -27.08 13.73 2.20
CA ALA C 355 -26.98 14.25 3.56
C ALA C 355 -27.97 13.57 4.53
N GLU C 356 -29.21 13.34 4.07
CA GLU C 356 -30.18 12.69 4.91
C GLU C 356 -29.73 11.27 5.21
N LYS C 357 -29.22 10.60 4.19
CA LYS C 357 -28.85 9.20 4.32
C LYS C 357 -27.62 9.05 5.22
N ILE C 358 -26.71 10.01 5.13
CA ILE C 358 -25.40 9.88 5.75
C ILE C 358 -25.34 10.55 7.12
N GLY C 359 -26.39 11.31 7.45
CA GLY C 359 -26.55 11.88 8.77
C GLY C 359 -25.85 13.21 8.98
N PHE C 360 -25.69 13.98 7.90
CA PHE C 360 -24.91 15.21 7.94
C PHE C 360 -25.82 16.44 7.86
N ASP C 361 -25.64 17.38 8.78
CA ASP C 361 -26.60 18.48 8.94
C ASP C 361 -25.99 19.87 8.72
N SER C 362 -24.78 19.94 8.17
CA SER C 362 -24.17 21.25 7.89
C SER C 362 -24.02 21.48 6.38
N LEU C 363 -25.05 21.11 5.62
CA LEU C 363 -25.09 21.32 4.18
C LEU C 363 -26.10 22.42 3.81
N SER C 364 -25.64 23.44 3.08
CA SER C 364 -26.49 24.56 2.70
C SER C 364 -26.36 24.86 1.22
N LEU C 365 -27.43 25.41 0.65
CA LEU C 365 -27.44 25.76 -0.76
C LEU C 365 -27.23 27.26 -0.88
N THR C 366 -26.36 27.70 -1.79
CA THR C 366 -26.23 29.14 -2.01
C THR C 366 -25.86 29.48 -3.45
N GLN C 367 -25.70 30.76 -3.73
CA GLN C 367 -25.30 31.20 -5.06
C GLN C 367 -23.80 31.35 -5.11
N GLY C 368 -23.19 30.85 -6.18
CA GLY C 368 -21.77 31.01 -6.37
C GLY C 368 -21.31 30.55 -7.73
N GLY C 369 -20.32 31.26 -8.26
CA GLY C 369 -19.69 30.87 -9.51
C GLY C 369 -18.18 30.83 -9.31
N SER C 370 -17.44 31.28 -10.32
CA SER C 370 -15.98 31.31 -10.28
C SER C 370 -15.34 29.93 -9.98
N SER C 371 -15.88 28.88 -10.56
CA SER C 371 -15.23 27.58 -10.55
C SER C 371 -15.66 26.83 -11.81
N ASP C 372 -15.28 25.57 -11.96
CA ASP C 372 -15.52 24.91 -13.26
C ASP C 372 -16.88 24.28 -13.40
N HIS C 373 -17.75 24.51 -12.42
CA HIS C 373 -19.15 24.15 -12.57
C HIS C 373 -19.85 25.15 -13.51
N VAL C 374 -19.31 26.37 -13.56
CA VAL C 374 -19.95 27.47 -14.32
C VAL C 374 -20.16 27.17 -15.81
N PRO C 375 -19.11 26.77 -16.58
CA PRO C 375 -19.35 26.47 -18.02
C PRO C 375 -20.36 25.34 -18.25
N PHE C 376 -20.48 24.39 -17.34
CA PHE C 376 -21.51 23.39 -17.53
C PHE C 376 -22.88 24.05 -17.41
N HIS C 377 -23.00 24.95 -16.44
CA HIS C 377 -24.26 25.66 -16.24
C HIS C 377 -24.64 26.44 -17.49
N GLU C 378 -23.66 27.13 -18.07
CA GLU C 378 -23.88 27.86 -19.29
C GLU C 378 -24.34 26.94 -20.41
N ALA C 379 -23.90 25.70 -20.43
CA ALA C 379 -24.30 24.79 -21.49
C ALA C 379 -25.56 24.05 -21.12
N GLY C 380 -26.23 24.51 -20.07
CA GLY C 380 -27.47 23.90 -19.61
C GLY C 380 -27.35 22.57 -18.90
N ILE C 381 -26.17 22.25 -18.38
CA ILE C 381 -26.01 21.01 -17.62
C ILE C 381 -26.03 21.32 -16.14
N ASP C 382 -26.89 20.62 -15.39
CA ASP C 382 -26.92 20.77 -13.94
C ASP C 382 -25.56 20.57 -13.29
N SER C 383 -25.12 21.61 -12.58
CA SER C 383 -23.82 21.59 -11.93
C SER C 383 -23.80 22.35 -10.61
N ALA C 384 -22.78 22.09 -9.80
CA ALA C 384 -22.53 22.93 -8.65
C ALA C 384 -21.10 22.80 -8.19
N ASN C 385 -20.67 23.77 -7.41
CA ASN C 385 -19.39 23.69 -6.75
C ASN C 385 -19.55 23.40 -5.26
N PHE C 386 -18.78 22.45 -4.74
CA PHE C 386 -18.73 22.18 -3.30
C PHE C 386 -17.55 22.87 -2.60
N ILE C 387 -17.77 23.41 -1.41
CA ILE C 387 -16.74 24.20 -0.72
C ILE C 387 -17.12 24.54 0.74
N TRP C 388 -16.14 24.46 1.64
CA TRP C 388 -16.35 24.82 3.04
C TRP C 388 -16.43 26.32 3.20
N GLY C 389 -17.26 26.78 4.13
CA GLY C 389 -17.42 28.20 4.38
C GLY C 389 -17.88 28.48 5.81
N ASP C 390 -17.72 29.74 6.19
CA ASP C 390 -18.16 30.27 7.48
C ASP C 390 -19.68 30.45 7.45
N PRO C 391 -20.42 29.78 8.35
CA PRO C 391 -21.89 29.95 8.28
C PRO C 391 -22.35 31.39 8.53
N GLU C 392 -21.46 32.24 9.05
CA GLU C 392 -21.81 33.59 9.49
C GLU C 392 -21.43 34.67 8.46
N THR C 393 -20.39 34.42 7.65
CA THR C 393 -20.00 35.35 6.59
C THR C 393 -20.14 34.67 5.22
N GLU C 394 -20.39 33.36 5.26
CA GLU C 394 -20.49 32.50 4.09
C GLU C 394 -19.17 32.36 3.32
N GLU C 395 -18.06 32.83 3.92
CA GLU C 395 -16.82 32.98 3.18
C GLU C 395 -15.71 32.00 3.59
N VAL C 396 -14.54 32.16 2.96
CA VAL C 396 -13.47 31.16 3.00
C VAL C 396 -12.31 31.62 3.87
N GLU C 397 -11.39 30.70 4.17
CA GLU C 397 -10.22 30.94 5.03
C GLU C 397 -9.43 32.19 4.61
N PRO C 398 -8.62 32.75 5.53
CA PRO C 398 -7.84 33.92 5.12
C PRO C 398 -6.58 33.57 4.32
N TRP C 399 -6.22 32.29 4.29
CA TRP C 399 -4.98 31.83 3.66
C TRP C 399 -5.13 31.60 2.13
N TYR C 400 -6.36 31.74 1.65
CA TYR C 400 -6.71 31.50 0.26
C TYR C 400 -5.97 32.45 -0.68
N HIS C 401 -5.41 31.89 -1.75
CA HIS C 401 -4.54 32.62 -2.68
C HIS C 401 -3.36 33.29 -1.99
N THR C 402 -2.82 32.67 -0.94
CA THR C 402 -1.61 33.18 -0.27
C THR C 402 -0.56 32.07 -0.18
N PRO C 403 0.69 32.44 0.10
CA PRO C 403 1.66 31.35 0.31
C PRO C 403 1.29 30.37 1.41
N GLU C 404 0.42 30.76 2.35
CA GLU C 404 0.02 29.87 3.44
C GLU C 404 -1.20 28.99 3.12
N ASP C 405 -1.63 28.93 1.86
CA ASP C 405 -2.62 27.92 1.47
C ASP C 405 -1.85 26.61 1.35
N SER C 406 -1.42 26.10 2.49
CA SER C 406 -0.52 24.95 2.54
C SER C 406 -1.16 23.79 3.29
N ILE C 407 -0.52 22.63 3.23
CA ILE C 407 -1.10 21.42 3.80
C ILE C 407 -1.20 21.51 5.34
N GLU C 408 -0.38 22.38 5.91
CA GLU C 408 -0.50 22.80 7.30
C GLU C 408 -1.96 23.18 7.64
N HIS C 409 -2.65 23.77 6.67
CA HIS C 409 -4.01 24.26 6.88
C HIS C 409 -5.07 23.37 6.25
N ILE C 410 -4.73 22.11 6.05
CA ILE C 410 -5.68 21.12 5.57
C ILE C 410 -6.17 20.29 6.75
N SER C 411 -7.44 19.88 6.72
CA SER C 411 -7.94 19.05 7.77
C SER C 411 -8.40 17.72 7.21
N LYS C 412 -7.79 16.64 7.69
CA LYS C 412 -8.14 15.31 7.27
C LYS C 412 -9.62 15.01 7.53
N GLU C 413 -10.17 15.60 8.60
CA GLU C 413 -11.57 15.35 8.96
C GLU C 413 -12.52 16.18 8.08
N ARG C 414 -12.08 17.37 7.68
CA ARG C 414 -12.84 18.16 6.71
C ARG C 414 -12.85 17.47 5.34
N LEU C 415 -11.72 16.92 4.92
CA LEU C 415 -11.67 16.08 3.72
C LEU C 415 -12.57 14.87 3.81
N GLN C 416 -12.57 14.24 4.98
CA GLN C 416 -13.34 13.03 5.17
C GLN C 416 -14.82 13.34 5.02
N GLN C 417 -15.26 14.45 5.59
CA GLN C 417 -16.69 14.73 5.63
C GLN C 417 -17.15 15.21 4.25
N ALA C 418 -16.35 16.08 3.64
CA ALA C 418 -16.57 16.45 2.25
C ALA C 418 -16.60 15.20 1.36
N GLY C 419 -15.58 14.35 1.50
CA GLY C 419 -15.53 13.12 0.73
C GLY C 419 -16.76 12.21 0.85
N ASP C 420 -17.20 11.92 2.07
CA ASP C 420 -18.35 11.03 2.29
C ASP C 420 -19.64 11.63 1.73
N LEU C 421 -19.79 12.94 1.85
CA LEU C 421 -20.98 13.58 1.33
C LEU C 421 -21.03 13.59 -0.22
N VAL C 422 -19.95 14.04 -0.85
CA VAL C 422 -19.99 14.17 -2.30
C VAL C 422 -20.00 12.78 -2.95
N THR C 423 -19.25 11.84 -2.36
CA THR C 423 -19.28 10.44 -2.80
C THR C 423 -20.68 9.84 -2.68
N ALA C 424 -21.38 10.18 -1.60
CA ALA C 424 -22.73 9.66 -1.44
C ALA C 424 -23.66 10.34 -2.44
N ALA C 425 -23.44 11.63 -2.71
CA ALA C 425 -24.31 12.36 -3.64
C ALA C 425 -24.18 11.78 -5.05
N VAL C 426 -22.92 11.60 -5.46
CA VAL C 426 -22.63 11.07 -6.77
C VAL C 426 -23.17 9.67 -6.82
N TYR C 427 -23.09 8.99 -5.69
CA TYR C 427 -23.52 7.62 -5.72
C TYR C 427 -25.05 7.51 -6.00
N GLU C 428 -25.83 8.47 -5.53
CA GLU C 428 -27.26 8.47 -5.85
C GLU C 428 -27.46 8.69 -7.35
N ALA C 429 -26.66 9.61 -7.90
CA ALA C 429 -26.70 9.94 -9.31
C ALA C 429 -26.25 8.80 -10.24
N VAL C 430 -25.25 8.03 -9.84
CA VAL C 430 -24.65 7.04 -10.73
C VAL C 430 -25.01 5.57 -10.46
N LYS C 431 -25.83 5.32 -9.44
CA LYS C 431 -26.16 3.93 -9.12
C LYS C 431 -27.14 3.35 -10.14
N LYS C 432 -27.33 2.05 -10.13
CA LYS C 432 -28.21 1.44 -11.10
C LYS C 432 -29.43 0.80 -10.44
N LYS C 444 -25.36 32.91 -20.33
CA LYS C 444 -23.95 33.31 -20.24
C LYS C 444 -23.67 34.09 -18.96
N ALA C 445 -22.58 33.72 -18.27
CA ALA C 445 -22.26 34.31 -16.97
C ALA C 445 -21.46 35.60 -17.10
N LYS C 446 -21.55 36.43 -16.07
CA LYS C 446 -20.82 37.69 -16.02
C LYS C 446 -19.44 37.48 -15.40
N ALA C 447 -18.54 38.40 -15.72
CA ALA C 447 -17.18 38.36 -15.22
C ALA C 447 -17.11 38.03 -13.72
N SER C 448 -18.00 38.59 -12.91
CA SER C 448 -17.95 38.34 -11.47
C SER C 448 -18.30 36.89 -11.10
N ASP C 449 -18.95 36.18 -12.02
CA ASP C 449 -19.26 34.77 -11.82
C ASP C 449 -18.26 33.84 -12.51
N ILE C 450 -17.22 34.42 -13.10
CA ILE C 450 -16.24 33.62 -13.83
C ILE C 450 -14.87 33.72 -13.17
N PHE C 451 -14.41 34.95 -12.96
CA PHE C 451 -13.08 35.22 -12.40
C PHE C 451 -13.10 35.34 -10.87
N GLU C 452 -11.89 35.24 -10.29
CA GLU C 452 -11.66 35.42 -8.86
C GLU C 452 -10.70 36.57 -8.68
N ASP C 453 -10.87 37.29 -7.59
CA ASP C 453 -10.03 38.44 -7.30
C ASP C 453 -9.96 39.44 -8.45
N ILE C 454 -11.10 40.06 -8.71
CA ILE C 454 -11.26 41.17 -9.65
C ILE C 454 -10.95 42.53 -9.00
N LYS C 455 -11.22 42.65 -7.70
CA LYS C 455 -10.96 43.89 -6.95
C LYS C 455 -9.73 43.76 -6.05
#